data_3TNO
#
_entry.id   3TNO
#
_cell.length_a   56.316
_cell.length_b   74.091
_cell.length_c   165.423
_cell.angle_alpha   90.00
_cell.angle_beta   90.00
_cell.angle_gamma   90.00
#
_symmetry.space_group_name_H-M   'P 21 21 21'
#
loop_
_entity.id
_entity.type
_entity.pdbx_description
1 polymer Transaldolase
2 non-polymer 'D-ALTRO-HEPT-2-ULOSE 7-PHOSPHATE'
3 non-polymer 'CHLORIDE ION'
4 water water
#
_entity_poly.entity_id   1
_entity_poly.type   'polypeptide(L)'
_entity_poly.pdbx_seq_one_letter_code
;MHHHHHHSSGVDLGTENLYFQSNAMQKSVLEQLKQVTMVVADTGDFELIKKYKPVDATTNPSLILKAVKEQKYSNLVAET
ISKVKANNPDLNSDDLVKEIAIEILVSFGIKILDVIEGKVSSEVDARVSFNSATTIDYAKRIIARYESNGIPKDRVLIKI
AATWEGIKAAKLLQKEGINCNLTLIFDKAQAKACAEAGVYLVSPFVGRITDWQMQQNNLKTFPAIADDDGVNSVKAIYKL
YKSHGFKTIVMGASFRNVEQVIALAGCDALTISPVLLEELKNRDEHLEVKLTKNDDVVTQSPQISEADFRWLMNENAMAT
HKLAEGIRLFTKDTIELENIIKQNL
;
_entity_poly.pdbx_strand_id   A,B
#
loop_
_chem_comp.id
_chem_comp.type
_chem_comp.name
_chem_comp.formula
CL non-polymer 'CHLORIDE ION' 'Cl -1'
I22 non-polymer 'D-ALTRO-HEPT-2-ULOSE 7-PHOSPHATE' 'C7 H15 O10 P'
#
# COMPACT_ATOMS: atom_id res chain seq x y z
N GLN A 26 15.11 29.47 -33.72
CA GLN A 26 15.32 28.38 -34.72
C GLN A 26 15.96 27.14 -34.07
N LYS A 27 16.30 27.24 -32.79
CA LYS A 27 16.90 26.13 -32.05
C LYS A 27 15.80 25.15 -31.67
N SER A 28 16.12 23.86 -31.66
CA SER A 28 15.12 22.85 -31.30
C SER A 28 14.71 23.02 -29.84
N VAL A 29 13.53 22.53 -29.51
CA VAL A 29 13.06 22.60 -28.12
C VAL A 29 13.98 21.76 -27.24
N LEU A 30 14.50 20.66 -27.78
CA LEU A 30 15.44 19.82 -27.04
C LEU A 30 16.69 20.60 -26.65
N GLU A 31 17.29 21.32 -27.60
CA GLU A 31 18.50 22.08 -27.32
CA GLU A 31 18.50 22.11 -27.35
C GLU A 31 18.24 23.20 -26.31
N GLN A 32 17.07 23.84 -26.40
CA GLN A 32 16.72 24.89 -25.46
C GLN A 32 16.50 24.29 -24.06
N LEU A 33 15.86 23.13 -24.02
CA LEU A 33 15.59 22.47 -22.74
C LEU A 33 16.88 22.12 -22.00
N LYS A 34 17.88 21.69 -22.75
CA LYS A 34 19.19 21.34 -22.17
C LYS A 34 19.88 22.49 -21.43
N GLN A 35 19.55 23.73 -21.79
N GLN A 35 19.56 23.73 -21.80
CA GLN A 35 20.17 24.89 -21.18
CA GLN A 35 20.16 24.91 -21.18
C GLN A 35 19.55 25.28 -19.83
C GLN A 35 19.56 25.25 -19.81
N VAL A 36 18.36 24.78 -19.53
CA VAL A 36 17.67 25.09 -18.26
C VAL A 36 17.33 23.87 -17.39
N THR A 37 17.53 22.67 -17.93
CA THR A 37 17.21 21.42 -17.28
C THR A 37 18.21 20.35 -17.69
N MET A 38 18.61 19.48 -16.76
CA MET A 38 19.50 18.39 -17.11
C MET A 38 18.65 17.35 -17.82
N VAL A 39 18.92 17.17 -19.11
CA VAL A 39 18.16 16.23 -19.94
C VAL A 39 18.76 14.82 -19.79
N VAL A 40 17.87 13.87 -19.49
CA VAL A 40 18.22 12.49 -19.23
C VAL A 40 17.42 11.59 -20.17
N ALA A 41 18.05 10.55 -20.72
CA ALA A 41 17.38 9.60 -21.62
C ALA A 41 16.89 8.40 -20.83
N ASP A 42 15.62 8.04 -21.04
CA ASP A 42 14.98 6.95 -20.33
C ASP A 42 14.88 5.75 -21.25
N THR A 43 15.90 4.90 -21.24
CA THR A 43 15.93 3.75 -22.11
C THR A 43 17.12 2.85 -21.80
N GLY A 44 16.98 1.60 -22.19
CA GLY A 44 18.05 0.61 -22.09
C GLY A 44 18.68 0.40 -23.46
N ASP A 45 18.06 1.00 -24.49
CA ASP A 45 18.53 0.89 -25.88
C ASP A 45 19.60 1.96 -26.09
N PHE A 46 20.84 1.62 -25.73
CA PHE A 46 21.97 2.55 -25.81
C PHE A 46 22.31 3.08 -27.20
N GLU A 47 21.92 2.34 -28.24
N GLU A 47 21.92 2.33 -28.24
CA GLU A 47 22.20 2.78 -29.61
CA GLU A 47 22.17 2.75 -29.61
C GLU A 47 21.34 3.97 -30.03
C GLU A 47 21.35 3.98 -30.01
N LEU A 48 20.26 4.24 -29.28
CA LEU A 48 19.39 5.39 -29.56
C LEU A 48 19.79 6.65 -28.79
N ILE A 49 20.64 6.49 -27.77
CA ILE A 49 21.01 7.61 -26.91
C ILE A 49 21.93 8.67 -27.56
N LYS A 50 22.97 8.22 -28.24
CA LYS A 50 23.97 9.13 -28.81
C LYS A 50 23.38 10.32 -29.56
N LYS A 51 22.42 10.06 -30.45
N LYS A 51 22.42 10.06 -30.45
CA LYS A 51 21.84 11.13 -31.28
CA LYS A 51 21.81 11.10 -31.28
C LYS A 51 21.06 12.21 -30.51
C LYS A 51 21.12 12.22 -30.50
N TYR A 52 20.73 11.96 -29.25
CA TYR A 52 20.04 12.97 -28.43
C TYR A 52 21.00 13.66 -27.46
N LYS A 53 22.19 13.08 -27.28
CA LYS A 53 23.21 13.63 -26.38
C LYS A 53 22.68 14.09 -25.03
N PRO A 54 22.04 13.19 -24.27
CA PRO A 54 21.59 13.55 -22.94
C PRO A 54 22.78 13.55 -22.00
N VAL A 55 22.62 14.10 -20.81
CA VAL A 55 23.70 14.14 -19.83
C VAL A 55 23.77 12.79 -19.11
N ASP A 56 22.64 12.38 -18.53
CA ASP A 56 22.51 11.10 -17.82
C ASP A 56 21.53 10.20 -18.58
N ALA A 57 21.37 8.97 -18.09
CA ALA A 57 20.40 8.03 -18.62
C ALA A 57 19.83 7.19 -17.49
N THR A 58 18.60 6.73 -17.66
CA THR A 58 17.94 5.89 -16.67
C THR A 58 17.42 4.61 -17.27
N THR A 59 17.54 3.53 -16.51
CA THR A 59 16.97 2.23 -16.89
C THR A 59 16.08 1.78 -15.75
N ASN A 60 15.27 0.77 -16.02
CA ASN A 60 14.43 0.15 -15.01
C ASN A 60 14.20 -1.28 -15.48
N PRO A 61 13.59 -2.14 -14.65
CA PRO A 61 13.42 -3.54 -15.04
C PRO A 61 12.62 -3.76 -16.33
N SER A 62 11.66 -2.89 -16.60
CA SER A 62 10.87 -2.99 -17.81
C SER A 62 11.69 -2.61 -19.04
N LEU A 63 12.48 -1.55 -18.92
CA LEU A 63 13.32 -1.10 -20.03
C LEU A 63 14.45 -2.09 -20.34
N ILE A 64 15.00 -2.72 -19.29
CA ILE A 64 16.03 -3.74 -19.51
C ILE A 64 15.41 -4.94 -20.23
N LEU A 65 14.24 -5.39 -19.78
CA LEU A 65 13.56 -6.51 -20.44
C LEU A 65 13.30 -6.20 -21.91
N LYS A 66 12.81 -4.98 -22.19
CA LYS A 66 12.54 -4.55 -23.56
C LYS A 66 13.81 -4.65 -24.42
N ALA A 67 14.92 -4.18 -23.89
CA ALA A 67 16.20 -4.22 -24.61
C ALA A 67 16.67 -5.66 -24.81
N VAL A 68 16.52 -6.49 -23.78
CA VAL A 68 16.93 -7.90 -23.86
C VAL A 68 16.20 -8.64 -24.99
N LYS A 69 14.96 -8.25 -25.24
CA LYS A 69 14.17 -8.90 -26.29
C LYS A 69 14.37 -8.32 -27.70
N GLU A 70 15.19 -7.28 -27.82
CA GLU A 70 15.49 -6.72 -29.14
C GLU A 70 16.57 -7.61 -29.79
N GLN A 71 16.29 -8.06 -31.01
CA GLN A 71 17.20 -8.95 -31.72
CA GLN A 71 17.20 -8.94 -31.74
C GLN A 71 18.63 -8.40 -31.80
N LYS A 72 18.77 -7.08 -31.94
CA LYS A 72 20.08 -6.46 -32.03
C LYS A 72 20.97 -6.65 -30.78
N TYR A 73 20.36 -6.94 -29.63
CA TYR A 73 21.13 -7.17 -28.41
C TYR A 73 21.14 -8.64 -28.00
N SER A 74 20.73 -9.52 -28.92
CA SER A 74 20.68 -10.96 -28.65
C SER A 74 22.03 -11.55 -28.26
N ASN A 75 23.08 -11.14 -28.97
N ASN A 75 23.09 -11.16 -28.98
CA ASN A 75 24.42 -11.64 -28.72
CA ASN A 75 24.43 -11.64 -28.69
C ASN A 75 25.02 -11.09 -27.42
C ASN A 75 24.96 -11.11 -27.37
N LEU A 76 24.66 -9.86 -27.07
CA LEU A 76 25.12 -9.23 -25.82
C LEU A 76 24.58 -10.04 -24.64
N VAL A 77 23.31 -10.44 -24.74
CA VAL A 77 22.67 -11.24 -23.71
C VAL A 77 23.28 -12.64 -23.66
N ALA A 78 23.43 -13.27 -24.83
CA ALA A 78 24.01 -14.61 -24.91
C ALA A 78 25.45 -14.65 -24.38
N GLU A 79 26.23 -13.62 -24.69
CA GLU A 79 27.62 -13.53 -24.25
C GLU A 79 27.70 -13.38 -22.73
N THR A 80 26.83 -12.54 -22.18
CA THR A 80 26.79 -12.31 -20.74
C THR A 80 26.45 -13.61 -20.01
N ILE A 81 25.48 -14.35 -20.55
CA ILE A 81 25.08 -15.62 -19.96
C ILE A 81 26.22 -16.64 -19.94
N SER A 82 26.94 -16.74 -21.05
N SER A 82 26.94 -16.74 -21.05
CA SER A 82 28.06 -17.68 -21.17
CA SER A 82 28.06 -17.69 -21.16
C SER A 82 29.26 -17.28 -20.31
C SER A 82 29.26 -17.28 -20.31
N LYS A 83 29.52 -15.98 -20.21
CA LYS A 83 30.63 -15.46 -19.41
C LYS A 83 30.44 -15.77 -17.93
N VAL A 84 29.27 -15.40 -17.41
CA VAL A 84 28.95 -15.62 -16.00
C VAL A 84 28.92 -17.10 -15.68
N LYS A 85 28.33 -17.89 -16.60
CA LYS A 85 28.25 -19.33 -16.42
C LYS A 85 29.65 -19.95 -16.33
N ALA A 86 30.54 -19.55 -17.23
CA ALA A 86 31.92 -20.07 -17.24
C ALA A 86 32.75 -19.60 -16.06
N ASN A 87 32.49 -18.38 -15.57
CA ASN A 87 33.23 -17.81 -14.44
C ASN A 87 32.69 -18.22 -13.06
N ASN A 88 31.55 -18.93 -13.03
CA ASN A 88 30.92 -19.34 -11.77
C ASN A 88 30.42 -20.78 -11.82
N PRO A 89 31.33 -21.74 -12.07
CA PRO A 89 30.96 -23.15 -12.17
C PRO A 89 30.43 -23.80 -10.87
N ASP A 90 30.74 -23.21 -9.72
CA ASP A 90 30.32 -23.76 -8.43
C ASP A 90 28.98 -23.25 -7.90
N LEU A 91 28.46 -22.17 -8.46
CA LEU A 91 27.17 -21.63 -8.01
C LEU A 91 26.03 -22.59 -8.33
N ASN A 92 25.08 -22.72 -7.42
CA ASN A 92 23.89 -23.53 -7.66
C ASN A 92 23.09 -22.80 -8.74
N SER A 93 22.22 -23.52 -9.46
CA SER A 93 21.49 -22.92 -10.58
C SER A 93 20.70 -21.65 -10.23
N ASP A 94 20.10 -21.61 -9.05
CA ASP A 94 19.34 -20.43 -8.61
C ASP A 94 20.24 -19.20 -8.48
N ASP A 95 21.37 -19.37 -7.79
CA ASP A 95 22.32 -18.26 -7.63
C ASP A 95 22.92 -17.84 -8.97
N LEU A 96 23.10 -18.80 -9.88
CA LEU A 96 23.67 -18.50 -11.19
C LEU A 96 22.75 -17.57 -11.97
N VAL A 97 21.44 -17.86 -11.94
CA VAL A 97 20.47 -17.03 -12.65
C VAL A 97 20.47 -15.61 -12.09
N LYS A 98 20.56 -15.48 -10.77
CA LYS A 98 20.60 -14.18 -10.12
C LYS A 98 21.83 -13.37 -10.55
N GLU A 99 22.98 -14.05 -10.62
CA GLU A 99 24.23 -13.40 -11.02
C GLU A 99 24.15 -12.92 -12.46
N ILE A 100 23.59 -13.76 -13.34
CA ILE A 100 23.44 -13.41 -14.74
C ILE A 100 22.52 -12.20 -14.88
N ALA A 101 21.43 -12.15 -14.11
CA ALA A 101 20.49 -11.03 -14.17
C ALA A 101 21.16 -9.70 -13.80
N ILE A 102 21.97 -9.72 -12.74
CA ILE A 102 22.65 -8.50 -12.33
C ILE A 102 23.72 -8.11 -13.36
N GLU A 103 24.40 -9.08 -13.96
CA GLU A 103 25.41 -8.79 -14.97
CA GLU A 103 25.42 -8.78 -14.96
C GLU A 103 24.77 -8.19 -16.22
N ILE A 104 23.58 -8.66 -16.57
CA ILE A 104 22.86 -8.11 -17.73
CA ILE A 104 22.85 -8.11 -17.73
C ILE A 104 22.51 -6.65 -17.46
N LEU A 105 21.97 -6.38 -16.27
CA LEU A 105 21.61 -5.01 -15.88
C LEU A 105 22.82 -4.10 -15.99
N VAL A 106 23.95 -4.57 -15.47
CA VAL A 106 25.19 -3.81 -15.48
C VAL A 106 25.77 -3.69 -16.88
N SER A 107 25.69 -4.75 -17.69
CA SER A 107 26.22 -4.73 -19.05
CA SER A 107 26.21 -4.74 -19.05
C SER A 107 25.55 -3.64 -19.87
N PHE A 108 24.22 -3.52 -19.77
CA PHE A 108 23.51 -2.46 -20.49
C PHE A 108 23.94 -1.10 -19.94
N GLY A 109 24.08 -1.00 -18.63
CA GLY A 109 24.52 0.26 -18.01
C GLY A 109 25.88 0.72 -18.52
N ILE A 110 26.81 -0.23 -18.70
CA ILE A 110 28.15 0.10 -19.19
C ILE A 110 28.11 0.56 -20.65
N LYS A 111 27.29 -0.10 -21.45
CA LYS A 111 27.13 0.28 -22.86
C LYS A 111 26.52 1.69 -22.95
N ILE A 112 25.69 2.04 -21.96
CA ILE A 112 25.10 3.37 -21.91
C ILE A 112 26.15 4.40 -21.51
N LEU A 113 26.95 4.08 -20.51
CA LEU A 113 28.00 4.99 -20.04
C LEU A 113 29.02 5.29 -21.14
N ASP A 114 29.19 4.34 -22.06
CA ASP A 114 30.10 4.48 -23.19
CA ASP A 114 30.11 4.50 -23.20
C ASP A 114 29.70 5.65 -24.10
N VAL A 115 28.40 5.95 -24.16
CA VAL A 115 27.88 7.01 -25.03
C VAL A 115 27.38 8.30 -24.36
N ILE A 116 27.58 8.43 -23.05
CA ILE A 116 27.21 9.65 -22.33
C ILE A 116 28.36 10.10 -21.43
N GLU A 117 28.28 11.34 -20.96
CA GLU A 117 29.31 11.85 -20.07
CA GLU A 117 29.28 11.94 -20.08
C GLU A 117 28.88 11.80 -18.61
N GLY A 118 27.57 11.66 -18.37
CA GLY A 118 27.02 11.60 -17.02
C GLY A 118 26.84 10.22 -16.42
N LYS A 119 25.78 10.10 -15.61
CA LYS A 119 25.50 8.89 -14.86
C LYS A 119 24.40 8.04 -15.47
N VAL A 120 24.39 6.76 -15.07
CA VAL A 120 23.33 5.84 -15.47
C VAL A 120 22.66 5.32 -14.20
N SER A 121 21.34 5.18 -14.24
CA SER A 121 20.56 4.61 -13.12
C SER A 121 20.25 3.15 -13.40
N SER A 122 20.56 2.30 -12.42
CA SER A 122 20.31 0.85 -12.47
C SER A 122 19.49 0.48 -11.25
N GLU A 123 18.36 -0.17 -11.48
CA GLU A 123 17.42 -0.48 -10.41
C GLU A 123 17.63 -1.83 -9.72
N VAL A 124 17.52 -1.82 -8.39
CA VAL A 124 17.64 -3.05 -7.61
C VAL A 124 16.45 -3.95 -7.90
N ASP A 125 16.61 -5.24 -7.60
CA ASP A 125 15.56 -6.22 -7.80
C ASP A 125 14.32 -5.75 -7.05
N ALA A 126 13.21 -5.59 -7.76
CA ALA A 126 11.97 -5.09 -7.15
C ALA A 126 11.45 -5.96 -6.00
N ARG A 127 11.86 -7.23 -6.00
CA ARG A 127 11.45 -8.15 -4.94
C ARG A 127 12.01 -7.83 -3.55
N VAL A 128 12.99 -6.93 -3.46
CA VAL A 128 13.54 -6.55 -2.15
C VAL A 128 12.99 -5.20 -1.67
N SER A 129 11.93 -4.71 -2.32
CA SER A 129 11.38 -3.38 -2.02
C SER A 129 10.90 -3.14 -0.59
N PHE A 130 10.57 -4.20 0.15
CA PHE A 130 10.11 -4.05 1.54
C PHE A 130 11.15 -4.56 2.55
N ASN A 131 12.40 -4.63 2.12
CA ASN A 131 13.47 -5.11 3.00
C ASN A 131 14.68 -4.20 2.82
N SER A 132 14.91 -3.33 3.81
CA SER A 132 16.03 -2.39 3.75
CA SER A 132 16.02 -2.38 3.74
C SER A 132 17.37 -3.09 3.67
N ALA A 133 17.55 -4.13 4.48
CA ALA A 133 18.82 -4.86 4.51
C ALA A 133 19.19 -5.49 3.17
N THR A 134 18.24 -6.19 2.54
CA THR A 134 18.54 -6.84 1.27
C THR A 134 18.59 -5.83 0.11
N THR A 135 17.94 -4.68 0.28
CA THR A 135 18.05 -3.61 -0.71
C THR A 135 19.49 -3.09 -0.69
N ILE A 136 20.01 -2.87 0.51
CA ILE A 136 21.39 -2.41 0.69
C ILE A 136 22.35 -3.43 0.06
N ASP A 137 22.12 -4.71 0.35
CA ASP A 137 22.93 -5.79 -0.23
C ASP A 137 22.92 -5.74 -1.75
N TYR A 138 21.73 -5.59 -2.34
CA TYR A 138 21.61 -5.60 -3.80
C TYR A 138 22.29 -4.37 -4.39
N ALA A 139 22.11 -3.23 -3.73
CA ALA A 139 22.73 -1.98 -4.18
C ALA A 139 24.26 -2.13 -4.23
N LYS A 140 24.83 -2.71 -3.18
CA LYS A 140 26.28 -2.87 -3.13
C LYS A 140 26.78 -3.88 -4.16
N ARG A 141 25.95 -4.87 -4.47
CA ARG A 141 26.31 -5.87 -5.47
C ARG A 141 26.37 -5.20 -6.85
N ILE A 142 25.42 -4.32 -7.13
CA ILE A 142 25.41 -3.60 -8.40
C ILE A 142 26.69 -2.78 -8.51
N ILE A 143 27.03 -2.04 -7.45
CA ILE A 143 28.24 -1.23 -7.45
C ILE A 143 29.48 -2.12 -7.65
N ALA A 144 29.52 -3.26 -6.97
CA ALA A 144 30.64 -4.18 -7.09
C ALA A 144 30.84 -4.64 -8.53
N ARG A 145 29.75 -4.94 -9.23
CA ARG A 145 29.83 -5.39 -10.62
CA ARG A 145 29.85 -5.39 -10.62
C ARG A 145 30.31 -4.27 -11.54
N TYR A 146 29.86 -3.04 -11.28
CA TYR A 146 30.32 -1.92 -12.09
C TYR A 146 31.83 -1.75 -11.89
N GLU A 147 32.25 -1.82 -10.63
CA GLU A 147 33.68 -1.65 -10.30
C GLU A 147 34.56 -2.75 -10.89
N SER A 148 34.08 -3.99 -10.84
N SER A 148 34.07 -3.99 -10.84
CA SER A 148 34.82 -5.12 -11.41
CA SER A 148 34.82 -5.12 -11.40
C SER A 148 34.99 -4.97 -12.92
C SER A 148 34.98 -4.99 -12.92
N ASN A 149 34.07 -4.23 -13.54
CA ASN A 149 34.12 -3.96 -14.98
C ASN A 149 34.79 -2.63 -15.33
N GLY A 150 35.47 -2.02 -14.35
CA GLY A 150 36.25 -0.80 -14.60
C GLY A 150 35.51 0.52 -14.66
N ILE A 151 34.36 0.60 -14.01
CA ILE A 151 33.56 1.82 -13.97
C ILE A 151 33.61 2.39 -12.55
N PRO A 152 33.91 3.70 -12.41
CA PRO A 152 33.93 4.30 -11.08
C PRO A 152 32.51 4.49 -10.58
N LYS A 153 32.29 4.29 -9.28
CA LYS A 153 30.94 4.35 -8.72
C LYS A 153 30.23 5.69 -8.89
N ASP A 154 30.98 6.77 -9.10
N ASP A 154 30.98 6.77 -9.10
CA ASP A 154 30.37 8.09 -9.25
CA ASP A 154 30.38 8.08 -9.26
C ASP A 154 29.59 8.24 -10.56
C ASP A 154 29.52 8.17 -10.51
N ARG A 155 29.73 7.26 -11.46
CA ARG A 155 28.98 7.24 -12.72
C ARG A 155 27.65 6.50 -12.60
N VAL A 156 27.35 5.99 -11.41
CA VAL A 156 26.15 5.15 -11.22
C VAL A 156 25.22 5.65 -10.13
N LEU A 157 23.91 5.56 -10.40
CA LEU A 157 22.89 5.82 -9.41
C LEU A 157 22.12 4.52 -9.19
N ILE A 158 21.90 4.15 -7.94
CA ILE A 158 21.15 2.94 -7.63
C ILE A 158 19.70 3.34 -7.50
N LYS A 159 18.85 2.74 -8.33
CA LYS A 159 17.44 3.07 -8.34
CA LYS A 159 17.42 3.08 -8.34
C LYS A 159 16.69 2.17 -7.36
N ILE A 160 15.93 2.78 -6.46
CA ILE A 160 15.21 2.08 -5.38
C ILE A 160 13.78 2.60 -5.28
N ALA A 161 12.81 1.69 -5.19
CA ALA A 161 11.41 2.09 -5.03
C ALA A 161 11.23 2.82 -3.71
N ALA A 162 10.54 3.96 -3.74
CA ALA A 162 10.35 4.80 -2.58
C ALA A 162 9.29 4.35 -1.57
N THR A 163 9.41 3.10 -1.14
CA THR A 163 8.62 2.62 -0.03
C THR A 163 9.40 3.09 1.20
N TRP A 164 8.81 2.97 2.38
CA TRP A 164 9.53 3.39 3.59
C TRP A 164 10.85 2.66 3.71
N GLU A 165 10.83 1.36 3.40
CA GLU A 165 12.04 0.53 3.50
C GLU A 165 13.11 0.95 2.50
N GLY A 166 12.70 1.31 1.29
CA GLY A 166 13.65 1.76 0.28
C GLY A 166 14.31 3.07 0.69
N ILE A 167 13.52 3.96 1.27
CA ILE A 167 14.04 5.25 1.72
C ILE A 167 15.05 5.03 2.85
N LYS A 168 14.71 4.13 3.77
CA LYS A 168 15.58 3.78 4.88
CA LYS A 168 15.59 3.77 4.88
C LYS A 168 16.92 3.22 4.35
N ALA A 169 16.84 2.37 3.33
CA ALA A 169 18.03 1.79 2.71
C ALA A 169 18.88 2.88 2.08
N ALA A 170 18.23 3.77 1.33
CA ALA A 170 18.93 4.86 0.65
C ALA A 170 19.64 5.77 1.66
N LYS A 171 19.01 6.00 2.81
CA LYS A 171 19.62 6.83 3.85
CA LYS A 171 19.61 6.82 3.87
C LYS A 171 20.97 6.25 4.26
N LEU A 172 21.02 4.93 4.46
N LEU A 172 21.03 4.94 4.47
CA LEU A 172 22.26 4.25 4.83
CA LEU A 172 22.28 4.28 4.85
C LEU A 172 23.27 4.27 3.69
C LEU A 172 23.29 4.26 3.69
N LEU A 173 22.80 3.98 2.49
CA LEU A 173 23.68 3.96 1.30
C LEU A 173 24.34 5.32 1.08
N GLN A 174 23.58 6.40 1.23
CA GLN A 174 24.12 7.76 1.04
C GLN A 174 25.18 8.05 2.10
N LYS A 175 24.96 7.58 3.33
CA LYS A 175 25.94 7.77 4.41
CA LYS A 175 25.95 7.80 4.39
C LYS A 175 27.26 7.08 4.05
N GLU A 176 27.18 6.06 3.19
CA GLU A 176 28.37 5.32 2.77
C GLU A 176 28.86 5.76 1.39
N GLY A 177 28.39 6.91 0.93
CA GLY A 177 28.83 7.48 -0.35
C GLY A 177 28.26 6.87 -1.62
N ILE A 178 27.17 6.12 -1.50
CA ILE A 178 26.53 5.50 -2.66
C ILE A 178 25.29 6.31 -3.02
N ASN A 179 25.31 6.96 -4.18
CA ASN A 179 24.20 7.79 -4.63
C ASN A 179 23.02 6.98 -5.12
N CYS A 180 21.83 7.40 -4.72
CA CYS A 180 20.60 6.71 -5.05
C CYS A 180 19.60 7.57 -5.82
N ASN A 181 18.77 6.89 -6.60
CA ASN A 181 17.70 7.49 -7.36
C ASN A 181 16.42 6.86 -6.81
N LEU A 182 15.66 7.62 -6.02
CA LEU A 182 14.43 7.10 -5.44
C LEU A 182 13.29 7.25 -6.45
N THR A 183 12.73 6.11 -6.82
CA THR A 183 11.73 6.05 -7.88
C THR A 183 10.32 5.68 -7.40
N LEU A 184 9.37 5.69 -8.32
CA LEU A 184 7.96 5.41 -8.03
C LEU A 184 7.45 6.36 -6.94
N ILE A 185 7.73 7.65 -7.14
CA ILE A 185 7.30 8.70 -6.24
C ILE A 185 6.00 9.32 -6.76
N PHE A 186 4.94 9.20 -5.97
CA PHE A 186 3.62 9.67 -6.34
C PHE A 186 2.98 10.63 -5.34
N ASP A 187 3.67 10.93 -4.25
CA ASP A 187 3.12 11.78 -3.19
C ASP A 187 4.19 12.73 -2.63
N LYS A 188 3.77 13.93 -2.21
CA LYS A 188 4.72 14.93 -1.70
CA LYS A 188 4.73 14.92 -1.70
C LYS A 188 5.36 14.50 -0.38
N ALA A 189 4.59 13.87 0.50
CA ALA A 189 5.13 13.42 1.79
C ALA A 189 6.21 12.38 1.53
N GLN A 190 5.99 11.57 0.49
CA GLN A 190 6.94 10.57 0.07
C GLN A 190 8.25 11.26 -0.41
N ALA A 191 8.11 12.32 -1.20
CA ALA A 191 9.27 13.08 -1.68
C ALA A 191 10.00 13.76 -0.50
N LYS A 192 9.24 14.26 0.47
CA LYS A 192 9.86 14.90 1.62
C LYS A 192 10.72 13.93 2.41
N ALA A 193 10.23 12.70 2.62
CA ALA A 193 10.99 11.69 3.36
C ALA A 193 12.31 11.36 2.64
N CYS A 194 12.26 11.31 1.32
CA CYS A 194 13.46 11.05 0.51
C CYS A 194 14.52 12.14 0.70
N ALA A 195 14.08 13.39 0.64
CA ALA A 195 14.97 14.52 0.83
C ALA A 195 15.57 14.50 2.24
N GLU A 196 14.75 14.13 3.22
CA GLU A 196 15.20 14.06 4.61
C GLU A 196 16.25 12.97 4.84
N ALA A 197 16.25 11.96 3.97
CA ALA A 197 17.22 10.87 4.02
C ALA A 197 18.50 11.24 3.26
N GLY A 198 18.53 12.44 2.67
CA GLY A 198 19.71 12.93 1.95
C GLY A 198 20.01 12.22 0.64
N VAL A 199 18.96 11.76 -0.03
CA VAL A 199 19.13 11.04 -1.29
C VAL A 199 19.58 11.98 -2.39
N TYR A 200 20.40 11.47 -3.29
CA TYR A 200 20.95 12.28 -4.37
C TYR A 200 19.88 12.81 -5.32
N LEU A 201 18.93 11.96 -5.66
CA LEU A 201 17.93 12.32 -6.64
C LEU A 201 16.62 11.56 -6.44
N VAL A 202 15.52 12.22 -6.76
CA VAL A 202 14.19 11.62 -6.72
C VAL A 202 13.58 11.69 -8.11
N SER A 203 12.76 10.69 -8.44
CA SER A 203 12.08 10.60 -9.72
C SER A 203 10.57 10.61 -9.53
N PRO A 204 10.00 11.79 -9.27
CA PRO A 204 8.54 11.85 -9.19
C PRO A 204 7.95 11.56 -10.56
N PHE A 205 6.94 10.70 -10.60
CA PHE A 205 6.30 10.28 -11.85
C PHE A 205 5.22 11.26 -12.28
N VAL A 206 5.11 11.45 -13.60
CA VAL A 206 4.09 12.31 -14.16
C VAL A 206 3.05 11.46 -14.90
N GLY A 207 3.50 10.74 -15.92
CA GLY A 207 2.63 9.96 -16.80
C GLY A 207 1.69 8.98 -16.13
N ARG A 208 2.19 8.23 -15.16
CA ARG A 208 1.36 7.24 -14.49
C ARG A 208 0.26 7.88 -13.64
N ILE A 209 0.52 9.11 -13.15
CA ILE A 209 -0.50 9.84 -12.42
C ILE A 209 -1.57 10.32 -13.41
N THR A 210 -1.15 10.79 -14.58
CA THR A 210 -2.08 11.21 -15.60
C THR A 210 -2.94 10.00 -16.02
N ASP A 211 -2.33 8.81 -16.06
CA ASP A 211 -3.04 7.57 -16.39
C ASP A 211 -4.18 7.35 -15.39
N TRP A 212 -3.87 7.44 -14.10
CA TRP A 212 -4.86 7.27 -13.05
C TRP A 212 -6.00 8.25 -13.24
N GLN A 213 -5.65 9.51 -13.44
CA GLN A 213 -6.63 10.57 -13.63
C GLN A 213 -7.57 10.29 -14.80
N MET A 214 -7.00 9.91 -15.94
CA MET A 214 -7.81 9.64 -17.12
C MET A 214 -8.67 8.39 -16.95
N GLN A 215 -8.11 7.36 -16.34
CA GLN A 215 -8.86 6.11 -16.15
C GLN A 215 -10.01 6.27 -15.15
N GLN A 216 -9.85 7.15 -14.16
CA GLN A 216 -10.94 7.39 -13.20
C GLN A 216 -12.27 7.74 -13.88
N ASN A 217 -12.21 8.50 -14.96
CA ASN A 217 -13.42 8.92 -15.66
C ASN A 217 -13.43 8.61 -17.16
N ASN A 218 -12.72 7.55 -17.52
CA ASN A 218 -12.64 7.09 -18.90
C ASN A 218 -12.40 8.27 -19.86
N LEU A 219 -11.42 9.10 -19.52
CA LEU A 219 -11.08 10.26 -20.36
C LEU A 219 -10.29 9.76 -21.55
N LYS A 220 -10.64 10.24 -22.74
CA LYS A 220 -10.02 9.81 -23.99
C LYS A 220 -8.90 10.73 -24.46
N THR A 221 -8.87 11.95 -23.95
CA THR A 221 -7.83 12.90 -24.32
C THR A 221 -7.07 13.34 -23.08
N PHE A 222 -5.82 13.74 -23.26
CA PHE A 222 -5.00 14.20 -22.14
C PHE A 222 -5.63 15.47 -21.56
N PRO A 223 -5.58 15.61 -20.22
CA PRO A 223 -6.14 16.83 -19.64
C PRO A 223 -5.28 18.04 -20.01
N ALA A 224 -5.88 19.24 -19.92
CA ALA A 224 -5.13 20.46 -20.17
C ALA A 224 -3.98 20.49 -19.15
N ILE A 225 -2.82 21.01 -19.55
CA ILE A 225 -1.65 21.02 -18.67
C ILE A 225 -1.94 21.53 -17.26
N ALA A 226 -2.69 22.63 -17.16
CA ALA A 226 -3.02 23.19 -15.85
C ALA A 226 -3.80 22.20 -14.96
N ASP A 227 -4.51 21.28 -15.60
CA ASP A 227 -5.35 20.28 -14.91
C ASP A 227 -4.73 18.89 -14.87
N ASP A 228 -3.48 18.76 -15.31
CA ASP A 228 -2.79 17.47 -15.35
C ASP A 228 -2.22 17.13 -13.97
N ASP A 229 -2.82 16.15 -13.30
CA ASP A 229 -2.40 15.75 -11.95
C ASP A 229 -0.93 15.37 -11.86
N GLY A 230 -0.41 14.76 -12.92
CA GLY A 230 0.99 14.33 -12.96
C GLY A 230 1.92 15.52 -13.00
N VAL A 231 1.63 16.48 -13.88
CA VAL A 231 2.44 17.68 -13.99
C VAL A 231 2.37 18.48 -12.70
N ASN A 232 1.18 18.58 -12.11
CA ASN A 232 1.01 19.31 -10.86
C ASN A 232 1.74 18.64 -9.69
N SER A 233 1.88 17.31 -9.73
CA SER A 233 2.59 16.60 -8.68
C SER A 233 4.07 17.01 -8.66
N VAL A 234 4.71 17.01 -9.82
CA VAL A 234 6.11 17.42 -9.91
C VAL A 234 6.26 18.91 -9.54
N LYS A 235 5.33 19.76 -9.99
CA LYS A 235 5.38 21.18 -9.64
C LYS A 235 5.33 21.37 -8.13
N ALA A 236 4.47 20.62 -7.45
CA ALA A 236 4.34 20.73 -5.99
C ALA A 236 5.60 20.24 -5.27
N ILE A 237 6.18 19.14 -5.76
CA ILE A 237 7.40 18.59 -5.16
C ILE A 237 8.57 19.53 -5.38
N TYR A 238 8.66 20.10 -6.58
CA TYR A 238 9.71 21.06 -6.87
C TYR A 238 9.60 22.26 -5.93
N LYS A 239 8.40 22.80 -5.77
CA LYS A 239 8.18 23.95 -4.89
C LYS A 239 8.55 23.62 -3.45
N LEU A 240 8.19 22.42 -3.00
CA LEU A 240 8.53 21.96 -1.64
C LEU A 240 10.05 21.95 -1.44
N TYR A 241 10.75 21.29 -2.36
CA TYR A 241 12.20 21.17 -2.28
C TYR A 241 12.93 22.51 -2.25
N LYS A 242 12.53 23.41 -3.14
CA LYS A 242 13.22 24.69 -3.22
C LYS A 242 12.90 25.61 -2.04
N SER A 243 11.72 25.45 -1.43
CA SER A 243 11.35 26.28 -0.28
C SER A 243 11.94 25.76 1.04
N HIS A 244 12.36 24.50 1.04
CA HIS A 244 12.95 23.86 2.22
C HIS A 244 14.44 23.69 2.11
N GLY A 245 15.03 24.25 1.05
CA GLY A 245 16.47 24.17 0.83
C GLY A 245 17.01 22.77 0.64
N PHE A 246 16.16 21.84 0.23
CA PHE A 246 16.64 20.46 0.00
C PHE A 246 17.52 20.45 -1.24
N LYS A 247 18.63 19.73 -1.15
CA LYS A 247 19.60 19.66 -2.25
C LYS A 247 19.35 18.47 -3.18
N THR A 248 18.47 17.56 -2.78
CA THR A 248 18.12 16.42 -3.61
C THR A 248 17.64 16.91 -4.98
N ILE A 249 18.13 16.28 -6.05
CA ILE A 249 17.74 16.66 -7.41
C ILE A 249 16.35 16.17 -7.73
N VAL A 250 15.52 17.05 -8.28
CA VAL A 250 14.15 16.69 -8.68
C VAL A 250 14.17 16.32 -10.17
N MET A 251 13.93 15.06 -10.47
CA MET A 251 13.91 14.60 -11.86
C MET A 251 12.55 14.03 -12.27
N GLY A 252 11.79 14.81 -13.02
CA GLY A 252 10.50 14.33 -13.51
C GLY A 252 10.73 13.12 -14.41
N ALA A 253 9.88 12.11 -14.24
CA ALA A 253 9.97 10.88 -15.03
C ALA A 253 8.58 10.42 -15.42
N SER A 254 8.52 9.56 -16.43
CA SER A 254 7.27 9.00 -16.96
C SER A 254 6.49 10.10 -17.66
N PHE A 255 6.53 10.09 -18.99
CA PHE A 255 5.79 11.09 -19.76
C PHE A 255 4.94 10.47 -20.84
N ARG A 256 3.78 11.10 -21.07
CA ARG A 256 2.83 10.65 -22.09
C ARG A 256 2.84 11.53 -23.34
N ASN A 257 3.32 12.76 -23.20
CA ASN A 257 3.34 13.68 -24.34
C ASN A 257 4.39 14.78 -24.10
N VAL A 258 4.81 15.44 -25.18
CA VAL A 258 5.84 16.48 -25.06
C VAL A 258 5.37 17.72 -24.31
N GLU A 259 4.07 18.00 -24.31
CA GLU A 259 3.58 19.18 -23.58
C GLU A 259 3.84 19.05 -22.08
N GLN A 260 3.78 17.82 -21.57
CA GLN A 260 4.08 17.58 -20.15
C GLN A 260 5.53 17.92 -19.84
N VAL A 261 6.44 17.55 -20.75
CA VAL A 261 7.86 17.83 -20.58
C VAL A 261 8.10 19.34 -20.66
N ILE A 262 7.52 19.96 -21.68
CA ILE A 262 7.65 21.40 -21.89
C ILE A 262 7.11 22.21 -20.71
N ALA A 263 6.04 21.72 -20.09
CA ALA A 263 5.41 22.41 -18.95
C ALA A 263 6.30 22.42 -17.70
N LEU A 264 7.31 21.54 -17.69
CA LEU A 264 8.23 21.42 -16.56
C LEU A 264 9.62 21.96 -16.86
N ALA A 265 9.77 22.69 -17.97
CA ALA A 265 11.07 23.26 -18.34
C ALA A 265 11.58 24.10 -17.17
N GLY A 266 12.83 23.85 -16.78
CA GLY A 266 13.42 24.54 -15.63
C GLY A 266 13.58 23.61 -14.44
N CYS A 267 12.92 22.46 -14.49
CA CYS A 267 13.05 21.45 -13.44
C CYS A 267 14.52 21.02 -13.42
N ASP A 268 15.02 20.61 -12.25
CA ASP A 268 16.44 20.22 -12.14
C ASP A 268 16.84 19.28 -13.27
N ALA A 269 16.04 18.24 -13.45
CA ALA A 269 16.26 17.25 -14.49
C ALA A 269 14.95 16.65 -14.94
N LEU A 270 14.96 16.05 -16.12
CA LEU A 270 13.81 15.36 -16.67
C LEU A 270 14.33 14.17 -17.46
N THR A 271 13.82 12.98 -17.18
CA THR A 271 14.20 11.79 -17.92
C THR A 271 13.07 11.48 -18.90
N ILE A 272 13.45 11.34 -20.16
CA ILE A 272 12.51 11.31 -21.28
C ILE A 272 12.77 10.16 -22.23
N SER A 273 11.71 9.51 -22.72
CA SER A 273 11.85 8.41 -23.66
C SER A 273 12.45 8.87 -24.99
N PRO A 274 13.11 7.95 -25.71
CA PRO A 274 13.63 8.31 -27.02
C PRO A 274 12.54 8.83 -27.96
N VAL A 275 11.34 8.27 -27.89
CA VAL A 275 10.22 8.73 -28.73
C VAL A 275 9.91 10.20 -28.51
N LEU A 276 9.88 10.62 -27.24
CA LEU A 276 9.61 12.02 -26.92
C LEU A 276 10.84 12.90 -27.18
N LEU A 277 12.04 12.37 -26.97
CA LEU A 277 13.24 13.13 -27.28
C LEU A 277 13.27 13.45 -28.77
N GLU A 278 12.81 12.52 -29.61
CA GLU A 278 12.75 12.73 -31.05
C GLU A 278 11.81 13.88 -31.36
N GLU A 279 10.65 13.89 -30.72
CA GLU A 279 9.68 14.97 -30.93
CA GLU A 279 9.69 14.97 -30.95
C GLU A 279 10.27 16.32 -30.53
N LEU A 280 10.96 16.35 -29.39
CA LEU A 280 11.58 17.57 -28.89
C LEU A 280 12.69 18.06 -29.83
N LYS A 281 13.41 17.11 -30.42
CA LYS A 281 14.49 17.43 -31.34
C LYS A 281 13.98 18.05 -32.65
N ASN A 282 12.78 17.65 -33.05
CA ASN A 282 12.21 18.11 -34.32
C ASN A 282 11.29 19.33 -34.25
N ARG A 283 11.04 19.84 -33.04
CA ARG A 283 10.22 21.04 -32.84
CA ARG A 283 10.23 21.05 -32.84
C ARG A 283 11.16 22.21 -32.61
N ASP A 284 10.94 23.34 -33.29
N ASP A 284 10.91 23.29 -33.35
CA ASP A 284 11.87 24.49 -33.11
CA ASP A 284 11.74 24.51 -33.30
C ASP A 284 11.23 25.76 -32.54
C ASP A 284 10.96 25.74 -32.83
N GLU A 285 10.13 25.59 -31.80
N GLU A 285 10.17 25.61 -31.78
CA GLU A 285 9.43 26.71 -31.20
CA GLU A 285 9.47 26.80 -31.26
C GLU A 285 10.20 27.22 -29.97
C GLU A 285 10.19 27.22 -29.99
N HIS A 286 9.97 28.47 -29.59
CA HIS A 286 10.62 29.00 -28.40
C HIS A 286 10.13 28.30 -27.15
N LEU A 287 11.05 28.00 -26.24
CA LEU A 287 10.74 27.33 -24.98
C LEU A 287 10.81 28.32 -23.82
N GLU A 288 9.71 28.41 -23.06
CA GLU A 288 9.67 29.28 -21.88
C GLU A 288 9.90 28.46 -20.62
N VAL A 289 10.82 28.93 -19.78
CA VAL A 289 11.11 28.27 -18.51
C VAL A 289 9.89 28.44 -17.61
N LYS A 290 9.49 27.37 -16.93
CA LYS A 290 8.31 27.38 -16.05
C LYS A 290 8.64 27.17 -14.57
N LEU A 291 9.69 26.40 -14.29
CA LEU A 291 10.10 26.15 -12.91
CA LEU A 291 10.10 26.15 -12.91
C LEU A 291 11.41 26.87 -12.63
N THR A 292 11.45 27.64 -11.55
CA THR A 292 12.61 28.43 -11.21
C THR A 292 12.93 28.42 -9.73
N LYS A 293 14.21 28.56 -9.39
CA LYS A 293 14.65 28.61 -8.01
C LYS A 293 14.39 30.01 -7.49
N ASN A 294 14.50 30.19 -6.18
CA ASN A 294 14.29 31.51 -5.56
C ASN A 294 15.25 31.71 -4.39
N ASP A 295 15.28 32.94 -3.87
CA ASP A 295 16.12 33.28 -2.72
C ASP A 295 15.25 33.61 -1.51
N ASP A 296 14.11 32.94 -1.42
CA ASP A 296 13.18 33.15 -0.31
C ASP A 296 13.74 32.54 0.97
N VAL A 297 13.16 32.95 2.10
CA VAL A 297 13.56 32.42 3.39
C VAL A 297 13.31 30.91 3.39
N VAL A 298 14.28 30.15 3.87
CA VAL A 298 14.18 28.69 3.91
C VAL A 298 13.31 28.23 5.07
N THR A 299 12.38 27.33 4.77
CA THR A 299 11.50 26.77 5.77
C THR A 299 12.13 25.52 6.37
N GLN A 300 12.18 25.47 7.70
CA GLN A 300 12.72 24.31 8.40
C GLN A 300 11.48 23.62 8.95
N SER A 301 11.37 22.32 8.72
CA SER A 301 10.20 21.57 9.18
CA SER A 301 10.19 21.56 9.16
C SER A 301 10.58 20.31 9.92
N PRO A 302 9.66 19.78 10.74
CA PRO A 302 9.98 18.55 11.46
C PRO A 302 10.09 17.39 10.47
N GLN A 303 10.79 16.35 10.88
CA GLN A 303 10.99 15.16 10.06
C GLN A 303 9.69 14.38 9.96
N ILE A 304 9.51 13.66 8.86
CA ILE A 304 8.33 12.80 8.71
C ILE A 304 8.66 11.46 9.33
N SER A 305 7.86 11.04 10.31
CA SER A 305 8.07 9.76 10.96
C SER A 305 7.51 8.67 10.09
N GLU A 306 7.86 7.43 10.41
CA GLU A 306 7.35 6.27 9.68
C GLU A 306 5.83 6.25 9.73
N ALA A 307 5.25 6.42 10.92
CA ALA A 307 3.80 6.40 11.08
C ALA A 307 3.13 7.49 10.26
N ASP A 308 3.69 8.70 10.26
CA ASP A 308 3.09 9.78 9.48
CA ASP A 308 3.17 9.83 9.47
C ASP A 308 3.19 9.52 7.97
N PHE A 309 4.33 8.98 7.54
CA PHE A 309 4.53 8.64 6.13
C PHE A 309 3.48 7.62 5.69
N ARG A 310 3.31 6.58 6.50
CA ARG A 310 2.37 5.52 6.15
C ARG A 310 0.93 6.02 6.13
N TRP A 311 0.58 6.91 7.07
CA TRP A 311 -0.75 7.48 7.10
C TRP A 311 -1.02 8.34 5.87
N LEU A 312 -0.09 9.23 5.57
CA LEU A 312 -0.25 10.14 4.43
C LEU A 312 -0.33 9.37 3.11
N MET A 313 0.47 8.33 2.96
CA MET A 313 0.42 7.51 1.77
C MET A 313 -0.94 6.80 1.65
N ASN A 314 -1.47 6.34 2.77
CA ASN A 314 -2.76 5.65 2.73
C ASN A 314 -3.89 6.60 2.32
N GLU A 315 -3.80 7.85 2.76
CA GLU A 315 -4.81 8.85 2.41
C GLU A 315 -4.80 9.19 0.92
N ASN A 316 -3.66 8.96 0.26
CA ASN A 316 -3.52 9.21 -1.16
C ASN A 316 -3.79 7.89 -1.90
N ALA A 317 -5.05 7.69 -2.28
CA ALA A 317 -5.48 6.45 -2.95
C ALA A 317 -4.63 6.16 -4.19
N MET A 318 -4.44 7.16 -5.02
CA MET A 318 -3.64 6.99 -6.24
C MET A 318 -2.21 6.55 -5.91
N ALA A 319 -1.57 7.26 -4.98
CA ALA A 319 -0.17 6.97 -4.62
C ALA A 319 0.02 5.57 -4.08
N THR A 320 -0.86 5.14 -3.18
CA THR A 320 -0.75 3.77 -2.63
C THR A 320 -0.91 2.75 -3.76
N HIS A 321 -1.85 2.99 -4.65
CA HIS A 321 -2.07 2.07 -5.75
C HIS A 321 -0.94 2.03 -6.73
N LYS A 322 -0.44 3.19 -7.14
CA LYS A 322 0.61 3.22 -8.16
C LYS A 322 1.97 2.73 -7.65
N LEU A 323 2.28 2.96 -6.38
CA LEU A 323 3.54 2.46 -5.81
C LEU A 323 3.46 0.93 -5.77
N ALA A 324 2.36 0.41 -5.23
CA ALA A 324 2.19 -1.04 -5.15
C ALA A 324 2.22 -1.69 -6.53
N GLU A 325 1.49 -1.11 -7.47
CA GLU A 325 1.42 -1.60 -8.84
C GLU A 325 2.78 -1.57 -9.51
N GLY A 326 3.51 -0.47 -9.33
CA GLY A 326 4.83 -0.32 -9.94
C GLY A 326 5.78 -1.43 -9.51
N ILE A 327 5.72 -1.78 -8.22
CA ILE A 327 6.56 -2.84 -7.69
C ILE A 327 6.11 -4.18 -8.27
N ARG A 328 4.80 -4.42 -8.32
CA ARG A 328 4.29 -5.67 -8.91
C ARG A 328 4.71 -5.82 -10.37
N LEU A 329 4.56 -4.75 -11.14
CA LEU A 329 4.87 -4.80 -12.58
C LEU A 329 6.35 -4.97 -12.86
N PHE A 330 7.20 -4.28 -12.10
CA PHE A 330 8.64 -4.44 -12.28
C PHE A 330 9.04 -5.86 -11.89
N THR A 331 8.37 -6.42 -10.88
CA THR A 331 8.65 -7.78 -10.46
C THR A 331 8.30 -8.78 -11.57
N LYS A 332 7.16 -8.57 -12.22
CA LYS A 332 6.74 -9.43 -13.32
CA LYS A 332 6.76 -9.44 -13.32
C LYS A 332 7.81 -9.44 -14.43
N ASP A 333 8.33 -8.26 -14.75
CA ASP A 333 9.35 -8.14 -15.80
C ASP A 333 10.70 -8.73 -15.38
N THR A 334 10.99 -8.69 -14.09
CA THR A 334 12.22 -9.25 -13.55
C THR A 334 12.14 -10.78 -13.63
N ILE A 335 10.97 -11.32 -13.28
CA ILE A 335 10.75 -12.76 -13.36
C ILE A 335 10.77 -13.23 -14.82
N GLU A 336 10.25 -12.41 -15.73
CA GLU A 336 10.30 -12.78 -17.15
C GLU A 336 11.75 -12.87 -17.61
N LEU A 337 12.58 -11.90 -17.18
CA LEU A 337 14.00 -11.92 -17.53
C LEU A 337 14.64 -13.19 -17.00
N GLU A 338 14.32 -13.56 -15.76
CA GLU A 338 14.87 -14.79 -15.18
C GLU A 338 14.49 -16.01 -16.00
N ASN A 339 13.25 -16.02 -16.48
CA ASN A 339 12.79 -17.14 -17.29
C ASN A 339 13.53 -17.18 -18.63
N ILE A 340 13.81 -16.01 -19.20
CA ILE A 340 14.60 -15.94 -20.43
C ILE A 340 15.98 -16.52 -20.17
N ILE A 341 16.58 -16.14 -19.04
CA ILE A 341 17.90 -16.67 -18.65
C ILE A 341 17.85 -18.19 -18.51
N LYS A 342 16.84 -18.70 -17.80
CA LYS A 342 16.69 -20.14 -17.60
C LYS A 342 16.51 -20.90 -18.91
N GLN A 343 15.81 -20.30 -19.86
CA GLN A 343 15.55 -20.93 -21.16
C GLN A 343 16.75 -20.89 -22.12
N ASN A 344 17.80 -20.18 -21.74
CA ASN A 344 19.00 -20.04 -22.57
C ASN A 344 20.29 -20.37 -21.82
N LEU A 345 20.16 -20.92 -20.61
CA LEU A 345 21.32 -21.21 -19.79
C LEU A 345 22.16 -22.35 -20.37
N MET B 25 -38.97 -31.40 15.50
CA MET B 25 -39.26 -29.96 15.27
C MET B 25 -38.46 -29.41 14.09
N GLN B 26 -39.15 -28.82 13.12
CA GLN B 26 -38.49 -28.23 11.95
C GLN B 26 -37.90 -26.89 12.35
N LYS B 27 -36.64 -26.67 11.96
CA LYS B 27 -35.94 -25.45 12.34
C LYS B 27 -35.46 -24.65 11.13
N SER B 28 -35.45 -23.33 11.28
CA SER B 28 -35.03 -22.44 10.20
C SER B 28 -33.54 -22.61 9.95
N VAL B 29 -33.07 -22.08 8.82
CA VAL B 29 -31.65 -22.13 8.50
C VAL B 29 -30.85 -21.38 9.57
N LEU B 30 -31.39 -20.27 10.08
CA LEU B 30 -30.71 -19.51 11.14
C LEU B 30 -30.56 -20.37 12.39
N GLU B 31 -31.64 -21.02 12.79
CA GLU B 31 -31.61 -21.87 13.98
C GLU B 31 -30.64 -23.04 13.79
N GLN B 32 -30.62 -23.64 12.60
CA GLN B 32 -29.68 -24.73 12.33
C GLN B 32 -28.24 -24.22 12.33
N LEU B 33 -28.03 -23.01 11.80
CA LEU B 33 -26.69 -22.42 11.74
C LEU B 33 -26.12 -22.21 13.14
N LYS B 34 -26.96 -21.77 14.06
CA LYS B 34 -26.56 -21.51 15.45
C LYS B 34 -26.01 -22.76 16.14
N GLN B 35 -26.38 -23.94 15.68
CA GLN B 35 -25.91 -25.17 16.31
C GLN B 35 -24.50 -25.57 15.87
N VAL B 36 -24.03 -25.03 14.74
CA VAL B 36 -22.71 -25.39 14.20
C VAL B 36 -21.72 -24.22 14.06
N THR B 37 -22.19 -23.01 14.33
CA THR B 37 -21.39 -21.79 14.19
C THR B 37 -21.90 -20.77 15.20
N MET B 38 -20.99 -19.97 15.75
N MET B 38 -20.99 -19.97 15.75
CA MET B 38 -21.37 -18.90 16.67
CA MET B 38 -21.37 -18.92 16.69
C MET B 38 -21.90 -17.76 15.82
C MET B 38 -21.90 -17.73 15.87
N VAL B 39 -23.21 -17.53 15.91
CA VAL B 39 -23.85 -16.46 15.15
C VAL B 39 -23.67 -15.12 15.85
N VAL B 40 -23.17 -14.15 15.11
CA VAL B 40 -22.87 -12.82 15.63
C VAL B 40 -23.65 -11.78 14.81
N ALA B 41 -24.21 -10.77 15.49
CA ALA B 41 -24.97 -9.71 14.81
C ALA B 41 -24.06 -8.53 14.50
N ASP B 42 -24.08 -8.08 13.25
CA ASP B 42 -23.24 -6.99 12.78
C ASP B 42 -24.08 -5.71 12.70
N THR B 43 -24.12 -4.97 13.80
CA THR B 43 -24.93 -3.75 13.86
C THR B 43 -24.66 -2.93 15.12
N GLY B 44 -24.94 -1.64 15.05
CA GLY B 44 -24.83 -0.74 16.19
C GLY B 44 -26.19 -0.50 16.83
N ASP B 45 -27.24 -0.99 16.16
CA ASP B 45 -28.63 -0.83 16.61
C ASP B 45 -29.01 -2.02 17.51
N PHE B 46 -28.80 -1.86 18.81
CA PHE B 46 -29.08 -2.93 19.77
CA PHE B 46 -29.08 -2.91 19.78
C PHE B 46 -30.54 -3.36 19.79
N GLU B 47 -31.45 -2.46 19.40
CA GLU B 47 -32.88 -2.82 19.39
C GLU B 47 -33.23 -3.91 18.39
N LEU B 48 -32.37 -4.15 17.39
CA LEU B 48 -32.62 -5.22 16.40
C LEU B 48 -31.98 -6.55 16.78
N ILE B 49 -31.00 -6.49 17.68
CA ILE B 49 -30.23 -7.67 18.08
C ILE B 49 -30.99 -8.74 18.86
N LYS B 50 -31.65 -8.35 19.96
CA LYS B 50 -32.33 -9.33 20.82
C LYS B 50 -33.24 -10.28 20.04
N LYS B 51 -33.89 -9.75 19.01
CA LYS B 51 -34.79 -10.53 18.16
C LYS B 51 -34.13 -11.79 17.54
N TYR B 52 -32.88 -11.67 17.11
CA TYR B 52 -32.18 -12.78 16.46
C TYR B 52 -31.36 -13.67 17.42
N LYS B 53 -31.25 -13.24 18.67
CA LYS B 53 -30.53 -13.99 19.70
C LYS B 53 -29.12 -14.46 19.27
N PRO B 54 -28.27 -13.52 18.82
CA PRO B 54 -26.91 -13.88 18.49
C PRO B 54 -26.12 -14.05 19.78
N VAL B 55 -24.95 -14.69 19.71
CA VAL B 55 -24.09 -14.89 20.86
C VAL B 55 -23.30 -13.59 21.14
N ASP B 56 -22.62 -13.11 20.10
CA ASP B 56 -21.83 -11.87 20.17
C ASP B 56 -22.42 -10.83 19.20
N ALA B 57 -21.83 -9.63 19.22
CA ALA B 57 -22.22 -8.57 18.29
C ALA B 57 -20.98 -7.77 17.91
N THR B 58 -21.00 -7.20 16.70
CA THR B 58 -19.89 -6.39 16.24
C THR B 58 -20.35 -5.03 15.75
N THR B 59 -19.56 -4.02 16.08
CA THR B 59 -19.80 -2.67 15.59
C THR B 59 -18.53 -2.23 14.86
N ASN B 60 -18.63 -1.13 14.13
CA ASN B 60 -17.49 -0.53 13.44
C ASN B 60 -17.83 0.95 13.28
N PRO B 61 -16.86 1.78 12.85
CA PRO B 61 -17.11 3.22 12.74
C PRO B 61 -18.29 3.60 11.83
N SER B 62 -18.52 2.79 10.80
CA SER B 62 -19.63 3.05 9.88
C SER B 62 -20.98 2.71 10.52
N LEU B 63 -21.03 1.59 11.25
CA LEU B 63 -22.26 1.18 11.93
C LEU B 63 -22.60 2.10 13.09
N ILE B 64 -21.58 2.58 13.81
CA ILE B 64 -21.81 3.52 14.90
C ILE B 64 -22.37 4.84 14.34
N LEU B 65 -21.82 5.29 13.22
CA LEU B 65 -22.28 6.53 12.59
C LEU B 65 -23.75 6.42 12.19
N LYS B 66 -24.11 5.30 11.57
CA LYS B 66 -25.50 5.09 11.14
C LYS B 66 -26.45 5.09 12.33
N ALA B 67 -26.02 4.46 13.43
CA ALA B 67 -26.84 4.40 14.64
C ALA B 67 -26.98 5.78 15.28
N VAL B 68 -25.90 6.54 15.33
CA VAL B 68 -25.91 7.89 15.92
C VAL B 68 -26.89 8.82 15.21
N LYS B 69 -27.05 8.63 13.90
CA LYS B 69 -27.96 9.45 13.09
C LYS B 69 -29.44 9.09 13.24
N GLU B 70 -29.76 7.92 13.78
CA GLU B 70 -31.15 7.51 13.94
C GLU B 70 -31.89 8.37 14.96
N GLN B 71 -33.17 8.63 14.70
CA GLN B 71 -33.99 9.44 15.61
C GLN B 71 -34.20 8.77 16.96
N LYS B 72 -34.41 7.46 16.97
CA LYS B 72 -34.62 6.74 18.22
C LYS B 72 -33.43 6.84 19.16
N TYR B 73 -32.24 7.06 18.60
CA TYR B 73 -31.02 7.23 19.40
C TYR B 73 -30.59 8.70 19.46
N SER B 74 -31.48 9.61 19.04
CA SER B 74 -31.19 11.04 19.08
C SER B 74 -31.18 11.52 20.53
N ASN B 75 -31.99 10.86 21.36
CA ASN B 75 -32.07 11.17 22.78
C ASN B 75 -30.83 10.63 23.48
N LEU B 76 -30.36 9.46 23.04
CA LEU B 76 -29.15 8.85 23.60
C LEU B 76 -27.90 9.67 23.28
N VAL B 77 -27.77 10.09 22.03
CA VAL B 77 -26.62 10.87 21.60
C VAL B 77 -26.55 12.20 22.36
N ALA B 78 -27.69 12.90 22.42
CA ALA B 78 -27.78 14.19 23.10
C ALA B 78 -27.31 14.13 24.56
N GLU B 79 -27.72 13.09 25.28
CA GLU B 79 -27.33 12.92 26.69
C GLU B 79 -25.83 12.75 26.86
N THR B 80 -25.21 12.01 25.95
CA THR B 80 -23.76 11.79 25.99
C THR B 80 -23.01 13.11 25.76
N ILE B 81 -23.51 13.92 24.82
CA ILE B 81 -22.91 15.21 24.49
C ILE B 81 -22.87 16.11 25.73
N SER B 82 -24.00 16.17 26.44
CA SER B 82 -24.12 17.00 27.65
C SER B 82 -23.32 16.42 28.82
N LYS B 83 -23.38 15.10 28.99
CA LYS B 83 -22.68 14.42 30.08
C LYS B 83 -21.17 14.70 30.05
N VAL B 84 -20.57 14.52 28.87
CA VAL B 84 -19.14 14.73 28.69
C VAL B 84 -18.74 16.20 28.87
N LYS B 85 -19.50 17.09 28.26
CA LYS B 85 -19.23 18.53 28.32
C LYS B 85 -19.25 19.08 29.75
N ALA B 86 -20.09 18.50 30.60
CA ALA B 86 -20.21 18.93 32.00
C ALA B 86 -18.99 18.52 32.82
N ASN B 87 -18.45 17.33 32.54
CA ASN B 87 -17.28 16.80 33.26
C ASN B 87 -15.94 17.27 32.68
N ASN B 88 -15.97 17.89 31.51
CA ASN B 88 -14.75 18.36 30.85
C ASN B 88 -14.91 19.82 30.39
N PRO B 89 -14.91 20.77 31.34
CA PRO B 89 -15.10 22.18 31.01
C PRO B 89 -13.91 22.89 30.36
N ASP B 90 -12.68 22.47 30.68
CA ASP B 90 -11.49 23.13 30.14
C ASP B 90 -10.87 22.50 28.90
N LEU B 91 -11.31 21.29 28.53
CA LEU B 91 -10.77 20.65 27.34
C LEU B 91 -11.16 21.44 26.09
N ASN B 92 -10.23 21.57 25.15
CA ASN B 92 -10.49 22.31 23.91
C ASN B 92 -11.50 21.59 23.01
N SER B 93 -11.91 22.25 21.94
CA SER B 93 -12.89 21.68 20.99
C SER B 93 -12.40 20.35 20.41
N ASP B 94 -11.09 20.22 20.22
CA ASP B 94 -10.50 19.00 19.66
C ASP B 94 -10.67 17.81 20.61
N ASP B 95 -10.15 17.94 21.83
CA ASP B 95 -10.23 16.88 22.83
C ASP B 95 -11.66 16.58 23.25
N LEU B 96 -12.49 17.63 23.37
CA LEU B 96 -13.89 17.45 23.75
C LEU B 96 -14.60 16.55 22.74
N VAL B 97 -14.43 16.86 21.46
CA VAL B 97 -15.05 16.09 20.38
C VAL B 97 -14.61 14.62 20.42
N LYS B 98 -13.32 14.38 20.60
CA LYS B 98 -12.80 13.02 20.66
C LYS B 98 -13.28 12.26 21.89
N GLU B 99 -13.44 12.95 23.01
CA GLU B 99 -13.93 12.32 24.24
C GLU B 99 -15.39 11.92 24.08
N ILE B 100 -16.18 12.79 23.44
CA ILE B 100 -17.59 12.49 23.20
C ILE B 100 -17.68 11.27 22.27
N ALA B 101 -16.82 11.22 21.25
CA ALA B 101 -16.79 10.10 20.30
C ALA B 101 -16.53 8.74 20.96
N ILE B 102 -15.56 8.67 21.86
CA ILE B 102 -15.24 7.40 22.51
C ILE B 102 -16.36 6.96 23.46
N GLU B 103 -16.98 7.92 24.17
CA GLU B 103 -18.09 7.59 25.06
CA GLU B 103 -18.08 7.59 25.07
C GLU B 103 -19.31 7.13 24.28
N ILE B 104 -19.49 7.69 23.08
CA ILE B 104 -20.61 7.28 22.22
C ILE B 104 -20.38 5.84 21.76
N LEU B 105 -19.17 5.54 21.31
CA LEU B 105 -18.80 4.17 20.91
C LEU B 105 -19.10 3.17 22.02
N VAL B 106 -18.67 3.51 23.23
CA VAL B 106 -18.86 2.65 24.39
C VAL B 106 -20.33 2.57 24.81
N SER B 107 -21.06 3.68 24.71
CA SER B 107 -22.48 3.70 25.08
CA SER B 107 -22.48 3.70 25.08
C SER B 107 -23.26 2.68 24.24
N PHE B 108 -23.03 2.67 22.93
CA PHE B 108 -23.73 1.73 22.06
C PHE B 108 -23.30 0.31 22.41
N GLY B 109 -22.01 0.13 22.72
CA GLY B 109 -21.51 -1.18 23.09
C GLY B 109 -22.19 -1.71 24.35
N ILE B 110 -22.37 -0.83 25.33
CA ILE B 110 -23.00 -1.22 26.59
C ILE B 110 -24.47 -1.60 26.39
N LYS B 111 -25.17 -0.87 25.54
CA LYS B 111 -26.57 -1.17 25.25
C LYS B 111 -26.69 -2.52 24.53
N ILE B 112 -25.69 -2.86 23.72
CA ILE B 112 -25.64 -4.15 23.04
C ILE B 112 -25.39 -5.26 24.07
N LEU B 113 -24.46 -5.04 25.00
CA LEU B 113 -24.15 -6.05 26.01
C LEU B 113 -25.36 -6.41 26.88
N ASP B 114 -26.31 -5.49 26.99
CA ASP B 114 -27.53 -5.73 27.76
C ASP B 114 -28.45 -6.79 27.14
N VAL B 115 -28.34 -6.97 25.82
CA VAL B 115 -29.22 -7.90 25.10
C VAL B 115 -28.54 -9.15 24.53
N ILE B 116 -27.29 -9.40 24.94
CA ILE B 116 -26.56 -10.61 24.51
C ILE B 116 -25.83 -11.23 25.69
N GLU B 117 -25.46 -12.50 25.55
CA GLU B 117 -24.71 -13.21 26.58
C GLU B 117 -23.21 -13.09 26.37
N GLY B 118 -22.81 -12.82 25.13
CA GLY B 118 -21.40 -12.77 24.76
C GLY B 118 -20.72 -11.42 24.76
N LYS B 119 -19.81 -11.26 23.81
CA LYS B 119 -18.99 -10.05 23.71
C LYS B 119 -19.43 -9.08 22.62
N VAL B 120 -18.99 -7.84 22.75
CA VAL B 120 -19.24 -6.82 21.73
C VAL B 120 -17.88 -6.32 21.22
N SER B 121 -17.79 -6.05 19.93
CA SER B 121 -16.56 -5.53 19.33
C SER B 121 -16.68 -4.02 19.12
N SER B 122 -15.69 -3.29 19.61
CA SER B 122 -15.63 -1.82 19.48
C SER B 122 -14.31 -1.47 18.80
N GLU B 123 -14.37 -0.69 17.73
CA GLU B 123 -13.18 -0.39 16.94
C GLU B 123 -12.45 0.88 17.33
N VAL B 124 -11.12 0.79 17.34
CA VAL B 124 -10.27 1.94 17.62
C VAL B 124 -10.39 2.94 16.47
N ASP B 125 -10.02 4.18 16.75
CA ASP B 125 -10.02 5.24 15.75
C ASP B 125 -9.14 4.80 14.57
N ALA B 126 -9.74 4.74 13.38
CA ALA B 126 -9.00 4.29 12.18
C ALA B 126 -7.77 5.13 11.86
N ARG B 127 -7.71 6.35 12.38
CA ARG B 127 -6.57 7.24 12.12
C ARG B 127 -5.28 6.80 12.80
N VAL B 128 -5.35 5.84 13.73
CA VAL B 128 -4.14 5.35 14.40
C VAL B 128 -3.69 4.00 13.82
N SER B 129 -4.25 3.61 12.68
CA SER B 129 -3.98 2.30 12.05
C SER B 129 -2.52 1.98 11.71
N PHE B 130 -1.67 3.00 11.55
CA PHE B 130 -0.25 2.78 11.23
C PHE B 130 0.66 3.16 12.41
N ASN B 131 0.09 3.21 13.61
CA ASN B 131 0.85 3.56 14.79
C ASN B 131 0.49 2.59 15.92
N SER B 132 1.38 1.63 16.17
CA SER B 132 1.14 0.62 17.19
CA SER B 132 1.14 0.62 17.19
C SER B 132 0.96 1.22 18.59
N ALA B 133 1.82 2.19 18.93
CA ALA B 133 1.75 2.81 20.25
C ALA B 133 0.43 3.52 20.53
N THR B 134 -0.05 4.32 19.57
CA THR B 134 -1.31 5.04 19.78
C THR B 134 -2.53 4.11 19.63
N THR B 135 -2.36 3.00 18.92
CA THR B 135 -3.42 1.99 18.81
C THR B 135 -3.59 1.36 20.19
N ILE B 136 -2.48 1.02 20.82
CA ILE B 136 -2.49 0.44 22.16
C ILE B 136 -3.15 1.42 23.12
N ASP B 137 -2.78 2.71 23.01
CA ASP B 137 -3.37 3.76 23.86
CA ASP B 137 -3.36 3.76 23.85
C ASP B 137 -4.88 3.82 23.70
N TYR B 138 -5.35 3.84 22.46
CA TYR B 138 -6.77 3.94 22.19
C TYR B 138 -7.51 2.70 22.71
N ALA B 139 -6.92 1.52 22.51
CA ALA B 139 -7.54 0.27 22.96
C ALA B 139 -7.71 0.29 24.48
N LYS B 140 -6.66 0.70 25.18
CA LYS B 140 -6.73 0.79 26.64
C LYS B 140 -7.75 1.83 27.09
N ARG B 141 -7.88 2.91 26.33
CA ARG B 141 -8.85 3.97 26.65
CA ARG B 141 -8.85 3.96 26.67
C ARG B 141 -10.28 3.44 26.54
N ILE B 142 -10.53 2.62 25.51
CA ILE B 142 -11.86 2.02 25.31
C ILE B 142 -12.18 1.11 26.49
N ILE B 143 -11.22 0.25 26.83
CA ILE B 143 -11.38 -0.67 27.96
C ILE B 143 -11.63 0.08 29.27
N ALA B 144 -10.92 1.20 29.45
CA ALA B 144 -11.09 2.02 30.65
C ALA B 144 -12.50 2.63 30.72
N ARG B 145 -13.02 3.07 29.56
CA ARG B 145 -14.38 3.65 29.52
C ARG B 145 -15.43 2.58 29.84
N TYR B 146 -15.24 1.36 29.34
CA TYR B 146 -16.16 0.29 29.69
C TYR B 146 -16.13 0.02 31.19
N GLU B 147 -14.92 -0.06 31.76
CA GLU B 147 -14.74 -0.34 33.19
C GLU B 147 -15.39 0.73 34.09
N SER B 148 -15.29 2.00 33.69
CA SER B 148 -15.89 3.08 34.48
C SER B 148 -17.42 2.99 34.48
N ASN B 149 -17.96 2.31 33.46
CA ASN B 149 -19.41 2.07 33.34
C ASN B 149 -19.81 0.70 33.88
N GLY B 150 -18.91 0.07 34.62
CA GLY B 150 -19.17 -1.23 35.24
C GLY B 150 -19.09 -2.46 34.34
N ILE B 151 -18.38 -2.33 33.21
CA ILE B 151 -18.22 -3.44 32.27
C ILE B 151 -16.75 -3.88 32.27
N PRO B 152 -16.48 -5.12 32.73
CA PRO B 152 -15.10 -5.61 32.74
C PRO B 152 -14.62 -5.97 31.34
N LYS B 153 -13.32 -6.10 31.17
CA LYS B 153 -12.74 -6.35 29.84
C LYS B 153 -13.16 -7.66 29.16
N ASP B 154 -13.59 -8.65 29.95
CA ASP B 154 -13.98 -9.94 29.38
C ASP B 154 -15.16 -9.89 28.40
N ARG B 155 -16.00 -8.86 28.50
CA ARG B 155 -17.16 -8.70 27.61
C ARG B 155 -16.83 -7.94 26.33
N VAL B 156 -15.57 -7.51 26.17
CA VAL B 156 -15.21 -6.64 25.06
C VAL B 156 -14.08 -7.15 24.18
N LEU B 157 -14.23 -6.92 22.86
CA LEU B 157 -13.18 -7.19 21.89
C LEU B 157 -12.81 -5.85 21.28
N ILE B 158 -11.52 -5.54 21.21
CA ILE B 158 -11.10 -4.30 20.59
C ILE B 158 -10.79 -4.56 19.11
N LYS B 159 -11.53 -3.88 18.23
CA LYS B 159 -11.32 -4.02 16.78
CA LYS B 159 -11.32 -4.02 16.78
C LYS B 159 -10.17 -3.14 16.31
N ILE B 160 -9.26 -3.77 15.57
CA ILE B 160 -8.07 -3.13 15.06
C ILE B 160 -7.86 -3.56 13.60
N ALA B 161 -7.59 -2.59 12.72
CA ALA B 161 -7.32 -2.91 11.33
C ALA B 161 -6.04 -3.74 11.24
N ALA B 162 -6.08 -4.82 10.46
CA ALA B 162 -4.95 -5.75 10.37
C ALA B 162 -3.78 -5.29 9.49
N THR B 163 -3.28 -4.10 9.76
CA THR B 163 -2.06 -3.63 9.13
C THR B 163 -0.97 -4.27 9.98
N TRP B 164 0.27 -4.23 9.54
CA TRP B 164 1.35 -4.76 10.34
C TRP B 164 1.39 -4.12 11.72
N GLU B 165 1.19 -2.81 11.77
CA GLU B 165 1.19 -2.07 13.03
C GLU B 165 0.05 -2.46 13.96
N GLY B 166 -1.13 -2.72 13.39
CA GLY B 166 -2.27 -3.15 14.19
C GLY B 166 -2.02 -4.51 14.81
N ILE B 167 -1.38 -5.39 14.04
CA ILE B 167 -1.08 -6.74 14.51
C ILE B 167 -0.07 -6.66 15.66
N LYS B 168 0.95 -5.80 15.51
CA LYS B 168 1.93 -5.64 16.57
CA LYS B 168 1.94 -5.61 16.56
C LYS B 168 1.28 -5.10 17.83
N ALA B 169 0.36 -4.15 17.67
CA ALA B 169 -0.36 -3.58 18.81
CA ALA B 169 -0.37 -3.59 18.80
C ALA B 169 -1.18 -4.68 19.50
N ALA B 170 -1.89 -5.48 18.71
CA ALA B 170 -2.71 -6.57 19.24
C ALA B 170 -1.86 -7.58 20.01
N LYS B 171 -0.66 -7.85 19.51
CA LYS B 171 0.23 -8.80 20.16
C LYS B 171 0.49 -8.36 21.61
N LEU B 172 0.78 -7.07 21.79
CA LEU B 172 1.02 -6.53 23.13
C LEU B 172 -0.26 -6.46 23.98
N LEU B 173 -1.36 -6.05 23.36
CA LEU B 173 -2.65 -5.97 24.06
C LEU B 173 -3.07 -7.34 24.60
N GLN B 174 -2.87 -8.39 23.80
CA GLN B 174 -3.23 -9.76 24.23
C GLN B 174 -2.40 -10.16 25.45
N LYS B 175 -1.13 -9.76 25.48
CA LYS B 175 -0.28 -10.05 26.63
C LYS B 175 -0.78 -9.35 27.89
N GLU B 176 -1.49 -8.23 27.72
CA GLU B 176 -2.05 -7.50 28.86
CA GLU B 176 -2.06 -7.48 28.84
C GLU B 176 -3.45 -7.98 29.22
N GLY B 177 -3.91 -9.04 28.55
CA GLY B 177 -5.23 -9.61 28.82
C GLY B 177 -6.38 -8.91 28.11
N ILE B 178 -6.07 -8.13 27.08
CA ILE B 178 -7.08 -7.44 26.28
C ILE B 178 -7.27 -8.19 24.97
N ASN B 179 -8.46 -8.75 24.78
CA ASN B 179 -8.79 -9.50 23.57
C ASN B 179 -9.11 -8.59 22.39
N CYS B 180 -8.56 -8.94 21.23
CA CYS B 180 -8.71 -8.14 20.04
C CYS B 180 -9.38 -8.87 18.89
N ASN B 181 -10.07 -8.08 18.07
CA ASN B 181 -10.73 -8.54 16.86
C ASN B 181 -9.97 -7.87 15.73
N LEU B 182 -9.14 -8.63 15.02
CA LEU B 182 -8.37 -8.09 13.90
C LEU B 182 -9.25 -8.08 12.65
N THR B 183 -9.54 -6.88 12.17
CA THR B 183 -10.48 -6.67 11.09
C THR B 183 -9.81 -6.23 9.77
N LEU B 184 -10.61 -6.12 8.72
CA LEU B 184 -10.14 -5.79 7.38
C LEU B 184 -9.06 -6.79 6.93
N ILE B 185 -9.38 -8.07 7.11
CA ILE B 185 -8.50 -9.17 6.70
C ILE B 185 -8.89 -9.63 5.30
N PHE B 186 -7.93 -9.56 4.38
CA PHE B 186 -8.14 -9.91 2.98
C PHE B 186 -7.12 -10.88 2.41
N ASP B 187 -6.13 -11.29 3.21
CA ASP B 187 -5.08 -12.18 2.72
C ASP B 187 -4.66 -13.18 3.78
N LYS B 188 -4.25 -14.37 3.35
CA LYS B 188 -3.79 -15.41 4.25
C LYS B 188 -2.60 -14.95 5.12
N ALA B 189 -1.72 -14.12 4.55
CA ALA B 189 -0.56 -13.58 5.29
C ALA B 189 -0.96 -12.82 6.54
N GLN B 190 -1.99 -11.97 6.43
CA GLN B 190 -2.51 -11.25 7.60
C GLN B 190 -3.00 -12.23 8.62
N ALA B 191 -3.81 -13.19 8.17
CA ALA B 191 -4.39 -14.16 9.07
C ALA B 191 -3.29 -14.92 9.79
N LYS B 192 -2.25 -15.34 9.07
CA LYS B 192 -1.13 -16.07 9.67
C LYS B 192 -0.46 -15.21 10.74
N ALA B 193 -0.11 -13.97 10.39
CA ALA B 193 0.54 -13.07 11.34
C ALA B 193 -0.33 -12.82 12.57
N CYS B 194 -1.64 -12.68 12.36
CA CYS B 194 -2.58 -12.47 13.47
C CYS B 194 -2.58 -13.66 14.42
N ALA B 195 -2.66 -14.87 13.86
CA ALA B 195 -2.64 -16.08 14.69
C ALA B 195 -1.34 -16.23 15.46
N GLU B 196 -0.23 -15.87 14.81
CA GLU B 196 1.10 -15.96 15.42
C GLU B 196 1.26 -14.95 16.57
N ALA B 197 0.49 -13.87 16.50
CA ALA B 197 0.49 -12.84 17.54
C ALA B 197 -0.45 -13.20 18.70
N GLY B 198 -1.12 -14.34 18.59
CA GLY B 198 -2.04 -14.80 19.64
C GLY B 198 -3.32 -13.99 19.75
N VAL B 199 -3.79 -13.43 18.64
CA VAL B 199 -5.01 -12.62 18.68
C VAL B 199 -6.22 -13.51 18.94
N TYR B 200 -7.18 -12.97 19.68
CA TYR B 200 -8.38 -13.72 20.04
C TYR B 200 -9.23 -14.12 18.83
N LEU B 201 -9.39 -13.20 17.89
CA LEU B 201 -10.29 -13.42 16.75
C LEU B 201 -9.91 -12.60 15.53
N VAL B 202 -10.15 -13.18 14.35
CA VAL B 202 -9.90 -12.50 13.08
C VAL B 202 -11.21 -12.44 12.29
N SER B 203 -11.37 -11.35 11.54
CA SER B 203 -12.56 -11.13 10.74
C SER B 203 -12.26 -11.00 9.25
N PRO B 204 -12.10 -12.13 8.57
CA PRO B 204 -11.89 -12.08 7.13
C PRO B 204 -13.16 -11.57 6.44
N PHE B 205 -12.99 -10.58 5.57
N PHE B 205 -13.00 -10.55 5.58
CA PHE B 205 -14.10 -10.04 4.82
CA PHE B 205 -14.12 -9.86 4.85
C PHE B 205 -14.39 -10.99 3.66
C PHE B 205 -14.57 -10.44 3.51
N VAL B 206 -15.68 -11.17 3.37
N VAL B 206 -15.54 -11.35 3.55
CA VAL B 206 -16.10 -12.04 2.29
CA VAL B 206 -16.03 -12.02 2.33
C VAL B 206 -16.64 -11.18 1.16
C VAL B 206 -16.56 -11.11 1.21
N GLY B 207 -17.65 -10.37 1.47
CA GLY B 207 -18.30 -9.50 0.49
C GLY B 207 -17.43 -8.58 -0.32
N ARG B 208 -16.51 -7.88 0.35
CA ARG B 208 -15.63 -6.93 -0.34
C ARG B 208 -14.66 -7.64 -1.29
N ILE B 209 -14.27 -8.86 -0.95
CA ILE B 209 -13.40 -9.64 -1.82
C ILE B 209 -14.17 -10.01 -3.08
N THR B 210 -15.43 -10.42 -2.90
CA THR B 210 -16.28 -10.77 -4.05
C THR B 210 -16.53 -9.53 -4.91
N ASP B 211 -16.68 -8.37 -4.27
CA ASP B 211 -16.86 -7.10 -5.00
C ASP B 211 -15.70 -6.91 -5.99
N TRP B 212 -14.49 -7.13 -5.50
CA TRP B 212 -13.29 -7.00 -6.33
C TRP B 212 -13.34 -7.96 -7.49
N GLN B 213 -13.62 -9.23 -7.18
CA GLN B 213 -13.71 -10.27 -8.19
C GLN B 213 -14.68 -9.88 -9.30
N MET B 214 -15.85 -9.38 -8.93
CA MET B 214 -16.87 -8.99 -9.90
C MET B 214 -16.48 -7.76 -10.74
N GLN B 215 -15.79 -6.79 -10.14
CA GLN B 215 -15.34 -5.61 -10.90
C GLN B 215 -14.23 -5.97 -11.87
N GLN B 216 -13.25 -6.73 -11.41
CA GLN B 216 -12.10 -7.12 -12.23
C GLN B 216 -12.48 -7.93 -13.47
N ASN B 217 -13.39 -8.88 -13.31
CA ASN B 217 -13.84 -9.72 -14.43
C ASN B 217 -15.09 -9.18 -15.12
N ASN B 218 -15.55 -8.00 -14.71
CA ASN B 218 -16.75 -7.39 -15.27
C ASN B 218 -17.91 -8.38 -15.25
N LEU B 219 -18.09 -9.05 -14.11
CA LEU B 219 -19.14 -10.04 -13.94
C LEU B 219 -20.47 -9.35 -13.71
N LYS B 220 -21.53 -9.93 -14.28
CA LYS B 220 -22.87 -9.37 -14.17
C LYS B 220 -23.61 -10.00 -13.01
N THR B 221 -23.42 -11.31 -12.84
CA THR B 221 -24.02 -12.07 -11.75
C THR B 221 -22.94 -12.53 -10.78
N PHE B 222 -23.34 -12.94 -9.58
CA PHE B 222 -22.38 -13.44 -8.60
C PHE B 222 -21.75 -14.74 -9.04
N PRO B 223 -20.48 -14.96 -8.66
CA PRO B 223 -19.81 -16.20 -9.05
C PRO B 223 -20.40 -17.41 -8.33
N ALA B 224 -20.15 -18.59 -8.88
CA ALA B 224 -20.58 -19.82 -8.23
C ALA B 224 -19.90 -19.86 -6.87
N ILE B 225 -20.57 -20.41 -5.86
CA ILE B 225 -20.01 -20.50 -4.51
C ILE B 225 -18.60 -21.10 -4.54
N ALA B 226 -18.39 -22.16 -5.30
CA ALA B 226 -17.09 -22.81 -5.39
C ALA B 226 -16.00 -21.89 -5.93
N ASP B 227 -16.39 -20.87 -6.70
CA ASP B 227 -15.45 -19.93 -7.31
C ASP B 227 -15.49 -18.54 -6.68
N ASP B 228 -16.23 -18.40 -5.58
CA ASP B 228 -16.36 -17.11 -4.90
C ASP B 228 -15.09 -16.83 -4.09
N ASP B 229 -14.33 -15.82 -4.53
CA ASP B 229 -13.05 -15.48 -3.89
C ASP B 229 -13.20 -15.18 -2.40
N GLY B 230 -14.29 -14.52 -2.03
CA GLY B 230 -14.55 -14.16 -0.63
C GLY B 230 -14.78 -15.38 0.23
N VAL B 231 -15.66 -16.27 -0.23
CA VAL B 231 -15.96 -17.49 0.48
C VAL B 231 -14.70 -18.35 0.58
N ASN B 232 -13.97 -18.45 -0.52
CA ASN B 232 -12.75 -19.26 -0.53
C ASN B 232 -11.66 -18.70 0.38
N SER B 233 -11.65 -17.40 0.61
CA SER B 233 -10.66 -16.78 1.51
C SER B 233 -10.88 -17.30 2.93
N VAL B 234 -12.13 -17.30 3.39
CA VAL B 234 -12.46 -17.79 4.74
C VAL B 234 -12.16 -19.29 4.84
N LYS B 235 -12.56 -20.05 3.82
CA LYS B 235 -12.29 -21.49 3.80
C LYS B 235 -10.79 -21.77 3.94
N ALA B 236 -9.97 -21.03 3.20
CA ALA B 236 -8.51 -21.19 3.24
C ALA B 236 -7.93 -20.83 4.61
N ILE B 237 -8.40 -19.74 5.20
CA ILE B 237 -7.93 -19.31 6.51
C ILE B 237 -8.36 -20.32 7.58
N TYR B 238 -9.59 -20.80 7.50
CA TYR B 238 -10.09 -21.81 8.43
C TYR B 238 -9.21 -23.05 8.34
N LYS B 239 -8.93 -23.52 7.13
CA LYS B 239 -8.11 -24.72 6.93
C LYS B 239 -6.70 -24.51 7.49
N LEU B 240 -6.11 -23.35 7.21
CA LEU B 240 -4.78 -22.99 7.69
C LEU B 240 -4.72 -23.07 9.21
N TYR B 241 -5.66 -22.40 9.86
CA TYR B 241 -5.74 -22.35 11.32
C TYR B 241 -5.91 -23.72 11.98
N LYS B 242 -6.83 -24.54 11.49
CA LYS B 242 -7.07 -25.83 12.12
C LYS B 242 -5.93 -26.83 11.87
N SER B 243 -5.30 -26.75 10.70
CA SER B 243 -4.19 -27.65 10.37
C SER B 243 -2.92 -27.30 11.16
N HIS B 244 -2.82 -26.05 11.61
CA HIS B 244 -1.66 -25.59 12.37
C HIS B 244 -1.93 -25.44 13.85
N GLY B 245 -3.13 -25.79 14.27
CA GLY B 245 -3.50 -25.73 15.68
C GLY B 245 -3.63 -24.33 16.28
N PHE B 246 -3.87 -23.33 15.44
CA PHE B 246 -4.07 -21.97 15.96
C PHE B 246 -5.45 -21.87 16.59
N LYS B 247 -5.52 -21.27 17.78
CA LYS B 247 -6.77 -21.13 18.52
C LYS B 247 -7.56 -19.87 18.17
N THR B 248 -6.94 -18.96 17.40
CA THR B 248 -7.61 -17.73 16.99
C THR B 248 -8.94 -18.07 16.30
N ILE B 249 -10.01 -17.42 16.75
CA ILE B 249 -11.35 -17.63 16.18
C ILE B 249 -11.47 -17.03 14.78
N VAL B 250 -12.00 -17.82 13.85
CA VAL B 250 -12.21 -17.36 12.48
C VAL B 250 -13.65 -16.89 12.35
N MET B 251 -13.84 -15.60 12.12
CA MET B 251 -15.19 -15.05 11.99
C MET B 251 -15.40 -14.34 10.66
N GLY B 252 -16.11 -15.00 9.74
CA GLY B 252 -16.41 -14.39 8.45
C GLY B 252 -17.27 -13.16 8.66
N ALA B 253 -16.99 -12.10 7.92
CA ALA B 253 -17.70 -10.84 8.03
C ALA B 253 -17.95 -10.26 6.65
N SER B 254 -18.86 -9.29 6.57
CA SER B 254 -19.20 -8.63 5.30
CA SER B 254 -19.21 -8.63 5.32
C SER B 254 -19.78 -9.64 4.31
N PHE B 255 -21.09 -9.66 4.19
CA PHE B 255 -21.74 -10.57 3.27
C PHE B 255 -22.64 -9.82 2.32
N ARG B 256 -22.70 -10.30 1.07
CA ARG B 256 -23.55 -9.71 0.02
C ARG B 256 -24.94 -10.38 -0.07
N ASN B 257 -24.99 -11.68 0.24
CA ASN B 257 -26.23 -12.43 0.21
C ASN B 257 -26.15 -13.60 1.19
N VAL B 258 -27.29 -14.22 1.45
CA VAL B 258 -27.36 -15.32 2.41
C VAL B 258 -26.68 -16.59 1.90
N GLU B 259 -26.56 -16.73 0.59
CA GLU B 259 -25.91 -17.91 0.02
CA GLU B 259 -25.92 -17.91 0.03
C GLU B 259 -24.47 -17.99 0.48
N GLN B 260 -23.81 -16.83 0.58
CA GLN B 260 -22.41 -16.75 1.06
C GLN B 260 -22.28 -17.17 2.52
N VAL B 261 -23.25 -16.77 3.35
CA VAL B 261 -23.27 -17.14 4.76
C VAL B 261 -23.48 -18.64 4.89
N ILE B 262 -24.48 -19.15 4.17
CA ILE B 262 -24.80 -20.58 4.18
C ILE B 262 -23.62 -21.43 3.73
N ALA B 263 -22.85 -20.91 2.79
CA ALA B 263 -21.67 -21.61 2.27
C ALA B 263 -20.57 -21.82 3.31
N LEU B 264 -20.61 -21.03 4.39
CA LEU B 264 -19.60 -21.10 5.45
C LEU B 264 -20.13 -21.73 6.74
N ALA B 265 -21.28 -22.42 6.66
CA ALA B 265 -21.84 -23.09 7.82
C ALA B 265 -20.78 -24.01 8.41
N GLY B 266 -20.54 -23.88 9.71
CA GLY B 266 -19.53 -24.68 10.40
C GLY B 266 -18.31 -23.84 10.77
N CYS B 267 -18.20 -22.64 10.21
CA CYS B 267 -17.10 -21.74 10.54
C CYS B 267 -17.23 -21.42 12.03
N ASP B 268 -16.12 -21.09 12.70
CA ASP B 268 -16.15 -20.80 14.14
C ASP B 268 -17.25 -19.80 14.47
N ALA B 269 -17.27 -18.71 13.70
CA ALA B 269 -18.25 -17.68 13.88
C ALA B 269 -18.51 -16.96 12.57
N LEU B 270 -19.66 -16.30 12.49
CA LEU B 270 -20.04 -15.51 11.33
C LEU B 270 -20.80 -14.30 11.85
N THR B 271 -20.37 -13.09 11.46
CA THR B 271 -21.07 -11.88 11.87
C THR B 271 -21.89 -11.41 10.67
N ILE B 272 -23.17 -11.22 10.93
CA ILE B 272 -24.18 -11.04 9.88
C ILE B 272 -25.08 -9.84 10.13
N SER B 273 -25.38 -9.10 9.07
CA SER B 273 -26.25 -7.94 9.16
C SER B 273 -27.68 -8.33 9.54
N PRO B 274 -28.42 -7.39 10.15
CA PRO B 274 -29.82 -7.69 10.48
C PRO B 274 -30.66 -8.08 9.26
N VAL B 275 -30.40 -7.45 8.11
CA VAL B 275 -31.14 -7.79 6.89
C VAL B 275 -30.94 -9.26 6.51
N LEU B 276 -29.70 -9.73 6.56
CA LEU B 276 -29.41 -11.13 6.22
C LEU B 276 -29.85 -12.10 7.31
N LEU B 277 -29.80 -11.67 8.58
CA LEU B 277 -30.30 -12.49 9.69
C LEU B 277 -31.79 -12.73 9.50
N GLU B 278 -32.52 -11.70 9.07
CA GLU B 278 -33.95 -11.82 8.82
C GLU B 278 -34.20 -12.83 7.70
N GLU B 279 -33.40 -12.78 6.64
CA GLU B 279 -33.55 -13.73 5.55
C GLU B 279 -33.27 -15.16 6.02
N LEU B 280 -32.25 -15.34 6.85
CA LEU B 280 -31.93 -16.68 7.37
C LEU B 280 -33.04 -17.22 8.29
N LYS B 281 -33.66 -16.30 9.03
CA LYS B 281 -34.72 -16.64 9.96
CA LYS B 281 -34.74 -16.63 9.96
C LYS B 281 -35.95 -17.19 9.21
N ASN B 282 -36.12 -16.74 7.97
CA ASN B 282 -37.25 -17.13 7.13
C ASN B 282 -36.99 -18.25 6.11
N ARG B 283 -35.76 -18.77 6.10
CA ARG B 283 -35.39 -19.89 5.23
C ARG B 283 -35.66 -21.17 6.03
N ASP B 284 -36.28 -22.17 5.41
CA ASP B 284 -36.62 -23.40 6.14
C ASP B 284 -36.01 -24.70 5.62
N GLU B 285 -35.16 -24.64 4.60
CA GLU B 285 -34.57 -25.88 4.07
C GLU B 285 -33.47 -26.42 4.99
N HIS B 286 -33.05 -27.65 4.73
CA HIS B 286 -31.97 -28.29 5.48
C HIS B 286 -30.66 -27.59 5.24
N LEU B 287 -29.88 -27.38 6.31
CA LEU B 287 -28.57 -26.74 6.22
C LEU B 287 -27.45 -27.76 6.25
N GLU B 288 -26.64 -27.79 5.19
CA GLU B 288 -25.50 -28.70 5.13
CA GLU B 288 -25.49 -28.69 5.11
C GLU B 288 -24.27 -27.99 5.69
N VAL B 289 -23.59 -28.64 6.61
CA VAL B 289 -22.37 -28.08 7.21
C VAL B 289 -21.25 -28.22 6.20
N LYS B 290 -20.53 -27.13 5.95
CA LYS B 290 -19.45 -27.13 4.95
C LYS B 290 -18.04 -27.12 5.51
N LEU B 291 -17.87 -26.55 6.70
CA LEU B 291 -16.57 -26.49 7.36
C LEU B 291 -16.55 -27.33 8.63
N THR B 292 -15.55 -28.19 8.75
CA THR B 292 -15.41 -29.07 9.90
C THR B 292 -13.93 -29.33 10.19
N LYS B 293 -13.63 -29.71 11.44
CA LYS B 293 -12.27 -30.04 11.83
C LYS B 293 -11.95 -31.46 11.37
N ASN B 294 -10.66 -31.79 11.26
CA ASN B 294 -10.24 -33.11 10.81
C ASN B 294 -8.84 -33.48 11.29
N THR B 299 1.16 -29.30 12.04
CA THR B 299 2.02 -28.49 11.17
C THR B 299 2.36 -27.17 11.84
N GLN B 300 3.63 -26.77 11.80
CA GLN B 300 4.07 -25.49 12.39
C GLN B 300 5.25 -24.92 11.61
N SER B 301 5.12 -23.66 11.17
CA SER B 301 6.17 -23.01 10.40
C SER B 301 6.74 -21.80 11.15
N PRO B 302 7.94 -21.34 10.75
CA PRO B 302 8.51 -20.14 11.37
C PRO B 302 7.56 -18.95 11.20
N GLN B 303 7.54 -18.04 12.15
CA GLN B 303 6.64 -16.91 12.09
C GLN B 303 6.98 -15.98 10.94
N ILE B 304 5.97 -15.38 10.34
CA ILE B 304 6.17 -14.49 9.21
C ILE B 304 6.79 -13.16 9.65
N SER B 305 7.83 -12.74 8.94
CA SER B 305 8.52 -11.50 9.26
C SER B 305 7.78 -10.30 8.70
N GLU B 306 8.15 -9.11 9.17
CA GLU B 306 7.54 -7.88 8.66
C GLU B 306 7.76 -7.77 7.16
N ALA B 307 8.99 -8.01 6.73
CA ALA B 307 9.34 -7.90 5.31
C ALA B 307 8.55 -8.90 4.45
N ASP B 308 8.41 -10.13 4.92
CA ASP B 308 7.66 -11.13 4.15
C ASP B 308 6.18 -10.80 4.11
N PHE B 309 5.65 -10.30 5.22
CA PHE B 309 4.24 -9.89 5.30
C PHE B 309 3.98 -8.78 4.30
N ARG B 310 4.83 -7.76 4.30
CA ARG B 310 4.64 -6.62 3.40
C ARG B 310 4.74 -7.03 1.94
N TRP B 311 5.64 -7.94 1.62
CA TRP B 311 5.79 -8.43 0.26
C TRP B 311 4.54 -9.17 -0.19
N LEU B 312 4.10 -10.12 0.62
CA LEU B 312 2.90 -10.90 0.28
C LEU B 312 1.67 -10.02 0.12
N MET B 313 1.53 -9.02 0.98
CA MET B 313 0.40 -8.10 0.88
C MET B 313 0.47 -7.30 -0.41
N ASN B 314 1.68 -6.90 -0.81
CA ASN B 314 1.82 -6.13 -2.03
C ASN B 314 1.49 -6.96 -3.28
N GLU B 315 1.82 -8.25 -3.24
CA GLU B 315 1.53 -9.15 -4.35
C GLU B 315 0.04 -9.39 -4.53
N ASN B 316 -0.72 -9.22 -3.44
CA ASN B 316 -2.17 -9.36 -3.48
C ASN B 316 -2.77 -7.97 -3.71
N ALA B 317 -2.96 -7.62 -4.99
CA ALA B 317 -3.48 -6.31 -5.37
C ALA B 317 -4.80 -6.00 -4.67
N MET B 318 -5.70 -6.98 -4.65
CA MET B 318 -7.00 -6.82 -3.99
C MET B 318 -6.83 -6.48 -2.52
N ALA B 319 -6.01 -7.25 -1.82
CA ALA B 319 -5.82 -7.05 -0.38
C ALA B 319 -5.24 -5.69 -0.04
N THR B 320 -4.20 -5.28 -0.77
CA THR B 320 -3.61 -3.96 -0.54
C THR B 320 -4.66 -2.87 -0.78
N HIS B 321 -5.45 -3.01 -1.83
CA HIS B 321 -6.47 -2.01 -2.12
C HIS B 321 -7.59 -1.96 -1.12
N LYS B 322 -8.14 -3.12 -0.77
CA LYS B 322 -9.27 -3.15 0.17
C LYS B 322 -8.89 -2.77 1.60
N LEU B 323 -7.68 -3.12 2.03
CA LEU B 323 -7.25 -2.73 3.37
C LEU B 323 -7.08 -1.22 3.41
N ALA B 324 -6.43 -0.66 2.40
CA ALA B 324 -6.20 0.79 2.34
C ALA B 324 -7.52 1.55 2.26
N GLU B 325 -8.42 1.11 1.37
N GLU B 325 -8.41 1.09 1.39
CA GLU B 325 -9.72 1.79 1.24
CA GLU B 325 -9.72 1.71 1.21
C GLU B 325 -10.59 1.62 2.49
C GLU B 325 -10.55 1.61 2.49
N GLY B 326 -10.50 0.45 3.13
CA GLY B 326 -11.26 0.21 4.37
C GLY B 326 -10.90 1.21 5.45
N ILE B 327 -9.60 1.48 5.57
CA ILE B 327 -9.11 2.45 6.54
C ILE B 327 -9.59 3.85 6.14
N ARG B 328 -9.50 4.17 4.85
CA ARG B 328 -9.96 5.48 4.38
C ARG B 328 -11.45 5.69 4.66
N LEU B 329 -12.25 4.65 4.41
CA LEU B 329 -13.71 4.73 4.59
C LEU B 329 -14.09 4.88 6.05
N PHE B 330 -13.48 4.09 6.93
CA PHE B 330 -13.77 4.21 8.36
C PHE B 330 -13.33 5.57 8.89
N THR B 331 -12.24 6.11 8.33
CA THR B 331 -11.75 7.42 8.71
C THR B 331 -12.78 8.50 8.35
N LYS B 332 -13.32 8.43 7.14
CA LYS B 332 -14.32 9.38 6.69
CA LYS B 332 -14.33 9.39 6.70
C LYS B 332 -15.54 9.36 7.62
N ASP B 333 -15.98 8.18 8.01
CA ASP B 333 -17.15 8.05 8.92
C ASP B 333 -16.85 8.53 10.33
N THR B 334 -15.59 8.39 10.76
CA THR B 334 -15.17 8.86 12.08
C THR B 334 -15.15 10.38 12.09
N ILE B 335 -14.68 10.97 10.99
CA ILE B 335 -14.67 12.43 10.83
C ILE B 335 -16.09 12.96 10.74
N GLU B 336 -16.98 12.21 10.10
CA GLU B 336 -18.37 12.66 10.01
C GLU B 336 -18.99 12.68 11.40
N LEU B 337 -18.68 11.67 12.22
CA LEU B 337 -19.21 11.62 13.59
C LEU B 337 -18.75 12.85 14.37
N GLU B 338 -17.48 13.23 14.20
CA GLU B 338 -16.94 14.41 14.84
C GLU B 338 -17.70 15.65 14.37
N ASN B 339 -18.01 15.71 13.08
CA ASN B 339 -18.77 16.85 12.54
C ASN B 339 -20.18 16.93 13.12
N ILE B 340 -20.82 15.78 13.30
CA ILE B 340 -22.16 15.74 13.91
C ILE B 340 -22.06 16.25 15.35
N ILE B 341 -21.01 15.86 16.04
CA ILE B 341 -20.79 16.28 17.42
C ILE B 341 -20.52 17.78 17.54
N LYS B 342 -19.66 18.31 16.68
CA LYS B 342 -19.31 19.75 16.71
C LYS B 342 -20.51 20.67 16.51
N GLN B 343 -21.33 20.38 15.51
CA GLN B 343 -22.51 21.21 15.21
C GLN B 343 -23.66 20.98 16.21
N ASN B 344 -23.56 19.95 17.04
CA ASN B 344 -24.55 19.66 18.07
C ASN B 344 -23.95 19.88 19.48
N LEU B 345 -22.90 20.67 19.55
CA LEU B 345 -22.22 20.95 20.82
C LEU B 345 -22.83 22.18 21.49
O8 I22 C . 6.28 3.81 -19.07
P1 I22 C . 5.79 4.77 -18.01
O9 I22 C . 5.84 6.21 -18.45
O10 I22 C . 4.52 4.34 -17.35
O7 I22 C . 6.88 4.67 -16.84
C7 I22 C . 8.20 5.18 -17.04
C6 I22 C . 8.96 5.03 -15.73
O6 I22 C . 8.78 3.70 -15.26
C5 I22 C . 10.44 5.37 -15.94
O5 I22 C . 10.55 6.75 -16.28
C4 I22 C . 11.30 5.13 -14.70
O4 I22 C . 11.16 3.76 -14.28
C3 I22 C . 12.75 5.47 -15.02
O3 I22 C . 13.35 4.45 -15.84
C2 I22 C . 13.56 5.64 -13.75
C1 I22 C . 13.24 6.96 -13.02
O1 I22 C . 14.41 7.79 -12.94
CL CL D . -4.24 0.06 -3.87
O8 I22 E . -20.63 -3.30 4.35
P1 I22 E . -19.67 -4.36 3.90
O9 I22 E . -20.28 -5.73 3.77
O10 I22 E . -18.80 -3.99 2.72
O7 I22 E . -18.64 -4.47 5.15
C7 I22 E . -19.11 -4.81 6.45
C6 I22 E . -17.92 -4.92 7.41
O6 I22 E . -17.25 -3.66 7.41
C5 I22 E . -18.33 -5.34 8.82
O5 I22 E . -18.76 -6.69 8.78
C4 I22 E . -17.21 -5.26 9.85
O4 I22 E . -16.70 -3.92 9.90
C3 I22 E . -17.71 -5.71 11.23
O3 I22 E . -18.51 -4.69 11.84
C2 I22 E . -16.56 -6.05 12.17
C1 I22 E . -15.86 -7.37 11.81
O1 I22 E . -15.92 -8.30 12.92
#